data_7WKD
#
_entry.id   7WKD
#
_cell.length_a   1.00
_cell.length_b   1.00
_cell.length_c   1.00
_cell.angle_alpha   90.00
_cell.angle_beta   90.00
_cell.angle_gamma   90.00
#
_symmetry.space_group_name_H-M   'P 1'
#
loop_
_entity.id
_entity.type
_entity.pdbx_description
1 polymer Gq
2 polymer 'Guanine nucleotide-binding protein G(I)/G(S)/G(T) subunit beta-1'
3 polymer scFV16
4 polymer 'Guanine nucleotide-binding protein G(I)/G(S)/G(O) subunit gamma-2'
5 polymer 'Thyrotropin-releasing hormone receptor'
6 polymer TRH
#
loop_
_entity_poly.entity_id
_entity_poly.type
_entity_poly.pdbx_seq_one_letter_code
_entity_poly.pdbx_strand_id
1 'polypeptide(L)'
;MGCTLSAEDKAAVERSKMIEKQLQKDKQVYRRTLRLLLLGADNSGKSTIVKQMRIYHVNGYSEEECKQYKAVVYSNTIQS
IIAIIRAMGRLKIDFGDSARADDARQLFVLAGAAEEGFMTAELAGVIKRLWKDSGVQACFNRSREYQLNDSAAYYLNDLD
RIAQPNYIPTQQDVLRTRVKTSGIFETKFQVDKVNFHMFDVGAQRDERRKWIQCFNDVTAIIFVVDSSDYNRLQEALNDF
KSIWNNRWLRTISVILFLNKQDLLAEKVLAGKSKIEDYFPEFARYTTPEDATPEPGEDPRVTRAKYFIRKEFVDISTASG
DGRHICYPHFTCSVDTENARRIFNDCKDIILQMNLREYNLV
;
A
2 'polypeptide(L)'
;MHHHHHHGSLLQSELDQLRQEAEQLKNQIRDARKACADATLSQITNNIDPVGRIQMRTRRTLRGHLAKIYAMHWGTDSRL
LVSASQDGKLIIWDSYTTNKVHAIPLRSSWVMTCAYAPSGNYVACGGLDNICSIYNLKTREGNVRVSRELAGHTGYLSCC
RFLDDNQIVTSSGDTTCALWDIETGQQTTTFTGHTGDVMSLSLAPDTRLFVSGACDASAKLWDVREGMCRQTFTGHESDI
NAICFFPNGNAFATGSDDATCRLFDLRADQELMTYSHDNIICGITSVSFSKSGRLLLAGYDDFNCNVWDALKADRAGVLA
GHDNRVSCLGVTDDGMAVATGSWDSFLKIWN
;
B
3 'polypeptide(L)'
;VQLVESGGGLVQPGGSRKLSCSASGFAFSSFGMHWVRQAPEKGLEWVAYISSGSGTIYYADTVKGRFTISRDDPKNTLFL
QMTSLRSEDTAMYYCVRSIYYYGSSPFDFWGQGTTLTVSAGGGGSGGGGSGGGGSADIVMTQATSSVPVTPGESVSISCR
SSKSLLHSNGNTYLYWFLQRPGQSPQLLIYRMSNLASGVPDRFSGSGSGTAFTLTISRLEAEDVGVYYCMQHLEYPLTFG
AGTKLEL
;
E
4 'polypeptide(L)' MASNNTASIAQARKLVEQLKMEANIDRIKVSKAAADLMAYCEAHAKEDPLLTPVPASENPFREKKFFCAIL G
5 'polypeptide(L)'
;MENETVSELNQTQLQPRAVVALEYQVVTILLVLIICGLGIVGNIMVVLVVMRTKHMRTPTNCYLVSLAVADLMVLVAAGL
PNITDSIYGSWVYGYVGCLCITYLQYLGINASSCSITAFTIERYIAICHPIKAQFLCTFSRAKKIIIFVWAFTSLYCMLW
FFLLDLNISTYKDAIVISCGYKISRNYYSPIYLMDFGVFYVVPMILATVLYGFIARILFLNPIPSDPKENSKTWKNDSTH
QNTNLNVNTSNRCFNSTVSSRKQVTKMLAVVVILFALLWMPYRTLVVVNSFLSSPFQENWFLLFCRICIYLNSAINPVIY
NLMSQKFRAAFRKLCNCKQKPTEKPANYSVALNYSVIKESDHFSTELDDITVTDTYLSATKVSFDDTCLASEVSFSQS
;
R
6 'polypeptide(L)' (PCA)H(LPD) C
#
# COMPACT_ATOMS: atom_id res chain seq x y z
N LEU A 5 7.64 0.49 -29.10
CA LEU A 5 7.63 -0.21 -27.79
C LEU A 5 8.13 -1.64 -27.96
N SER A 6 9.14 -2.01 -27.17
CA SER A 6 9.73 -3.33 -27.31
C SER A 6 8.73 -4.43 -26.95
N ALA A 7 8.98 -5.62 -27.50
CA ALA A 7 8.07 -6.74 -27.26
C ALA A 7 8.17 -7.24 -25.82
N GLU A 8 9.39 -7.33 -25.28
CA GLU A 8 9.54 -7.77 -23.90
C GLU A 8 8.87 -6.79 -22.94
N ASP A 9 8.95 -5.50 -23.23
CA ASP A 9 8.27 -4.51 -22.38
C ASP A 9 6.76 -4.67 -22.47
N LYS A 10 6.23 -5.00 -23.66
CA LYS A 10 4.80 -5.22 -23.78
C LYS A 10 4.37 -6.46 -22.99
N ALA A 11 5.18 -7.53 -23.04
CA ALA A 11 4.87 -8.71 -22.26
C ALA A 11 4.93 -8.42 -20.76
N ALA A 12 5.90 -7.59 -20.34
CA ALA A 12 5.98 -7.21 -18.94
C ALA A 12 4.77 -6.38 -18.53
N VAL A 13 4.29 -5.51 -19.42
CA VAL A 13 3.10 -4.72 -19.13
C VAL A 13 1.88 -5.62 -19.01
N GLU A 14 1.80 -6.65 -19.86
CA GLU A 14 0.68 -7.59 -19.76
C GLU A 14 0.75 -8.37 -18.46
N ARG A 15 1.95 -8.80 -18.05
CA ARG A 15 2.10 -9.47 -16.77
C ARG A 15 1.71 -8.54 -15.62
N SER A 16 2.06 -7.26 -15.73
CA SER A 16 1.68 -6.30 -14.70
C SER A 16 0.16 -6.15 -14.63
N LYS A 17 -0.49 -6.13 -15.78
CA LYS A 17 -1.96 -6.04 -15.79
C LYS A 17 -2.58 -7.28 -15.18
N MET A 18 -2.02 -8.46 -15.46
CA MET A 18 -2.53 -9.68 -14.84
C MET A 18 -2.35 -9.64 -13.33
N ILE A 19 -1.19 -9.17 -12.87
CA ILE A 19 -0.95 -9.06 -11.43
C ILE A 19 -1.90 -8.04 -10.81
N GLU A 20 -2.23 -6.97 -11.55
CA GLU A 20 -3.18 -6.00 -11.05
C GLU A 20 -4.57 -6.62 -10.92
N LYS A 21 -4.97 -7.43 -11.90
CA LYS A 21 -6.25 -8.12 -11.80
C LYS A 21 -6.26 -9.06 -10.60
N GLN A 22 -5.16 -9.77 -10.36
CA GLN A 22 -5.06 -10.65 -9.20
C GLN A 22 -5.19 -9.86 -7.90
N LEU A 23 -4.47 -8.74 -7.81
CA LEU A 23 -4.52 -7.92 -6.60
C LEU A 23 -5.91 -7.32 -6.39
N GLN A 24 -6.61 -7.00 -7.47
CA GLN A 24 -7.98 -6.51 -7.34
C GLN A 24 -8.91 -7.60 -6.85
N LYS A 25 -8.78 -8.82 -7.40
CA LYS A 25 -9.58 -9.93 -6.92
C LYS A 25 -9.32 -10.20 -5.44
N ASP A 26 -8.07 -10.00 -5.01
CA ASP A 26 -7.75 -10.20 -3.60
C ASP A 26 -8.30 -9.07 -2.73
N LYS A 27 -8.19 -7.82 -3.22
CA LYS A 27 -8.72 -6.69 -2.47
C LYS A 27 -10.23 -6.77 -2.33
N GLN A 28 -10.92 -7.38 -3.29
CA GLN A 28 -12.35 -7.62 -3.13
C GLN A 28 -12.65 -8.30 -1.81
N VAL A 29 -12.00 -9.44 -1.56
CA VAL A 29 -12.22 -10.16 -0.31
C VAL A 29 -11.67 -9.38 0.87
N TYR A 30 -10.49 -8.78 0.71
CA TYR A 30 -9.89 -8.02 1.81
C TYR A 30 -10.81 -6.90 2.28
N ARG A 31 -11.60 -6.33 1.38
CA ARG A 31 -12.53 -5.26 1.71
C ARG A 31 -13.87 -5.79 2.21
N ARG A 32 -14.32 -6.92 1.65
CA ARG A 32 -15.55 -7.56 2.10
C ARG A 32 -15.39 -8.31 3.42
N THR A 33 -14.22 -8.23 4.05
CA THR A 33 -13.96 -8.88 5.33
C THR A 33 -13.69 -7.82 6.39
N LEU A 34 -14.09 -8.14 7.62
CA LEU A 34 -13.93 -7.26 8.77
C LEU A 34 -12.84 -7.80 9.68
N ARG A 35 -11.96 -6.91 10.13
CA ARG A 35 -10.83 -7.28 10.98
C ARG A 35 -11.16 -6.97 12.44
N LEU A 36 -10.99 -7.95 13.31
CA LEU A 36 -11.21 -7.80 14.74
C LEU A 36 -9.98 -8.25 15.50
N LEU A 37 -9.63 -7.52 16.55
CA LEU A 37 -8.45 -7.82 17.36
C LEU A 37 -8.90 -8.29 18.73
N LEU A 38 -8.61 -9.54 19.05
CA LEU A 38 -8.95 -10.11 20.35
C LEU A 38 -7.75 -9.96 21.28
N LEU A 39 -7.98 -9.31 22.43
CA LEU A 39 -6.93 -9.11 23.43
C LEU A 39 -7.41 -9.61 24.78
N GLY A 40 -6.47 -10.09 25.58
CA GLY A 40 -6.78 -10.61 26.89
C GLY A 40 -5.62 -11.35 27.53
N ALA A 41 -5.50 -11.24 28.85
CA ALA A 41 -4.42 -11.91 29.57
C ALA A 41 -4.67 -13.41 29.61
N ASP A 42 -3.71 -14.14 30.19
CA ASP A 42 -3.85 -15.59 30.29
C ASP A 42 -5.07 -15.96 31.13
N ASN A 43 -5.31 -15.23 32.22
CA ASN A 43 -6.48 -15.52 33.05
C ASN A 43 -7.77 -15.26 32.29
N SER A 44 -7.77 -14.31 31.36
CA SER A 44 -8.96 -14.03 30.58
C SER A 44 -9.38 -15.27 29.78
N GLY A 45 -10.69 -15.39 29.56
CA GLY A 45 -11.22 -16.54 28.85
C GLY A 45 -11.28 -16.32 27.35
N LYS A 46 -10.25 -15.69 26.79
CA LYS A 46 -10.23 -15.46 25.34
C LYS A 46 -10.15 -16.78 24.59
N SER A 47 -9.43 -17.77 25.14
CA SER A 47 -9.36 -19.08 24.51
C SER A 47 -10.75 -19.72 24.46
N THR A 48 -11.47 -19.71 25.57
CA THR A 48 -12.83 -20.23 25.57
C THR A 48 -13.73 -19.41 24.65
N ILE A 49 -13.46 -18.12 24.50
CA ILE A 49 -14.25 -17.30 23.59
C ILE A 49 -14.05 -17.76 22.16
N VAL A 50 -12.80 -17.94 21.74
CA VAL A 50 -12.52 -18.44 20.40
C VAL A 50 -13.13 -19.82 20.21
N LYS A 51 -13.07 -20.65 21.25
CA LYS A 51 -13.71 -21.97 21.18
C LYS A 51 -15.22 -21.84 21.05
N GLN A 52 -15.79 -20.73 21.53
CA GLN A 52 -17.25 -20.53 21.47
C GLN A 52 -17.69 -19.79 20.23
N MET A 53 -16.82 -18.96 19.64
CA MET A 53 -17.15 -18.24 18.41
C MET A 53 -16.86 -19.15 17.20
N ARG A 54 -17.74 -20.13 17.04
CA ARG A 54 -17.62 -21.15 15.99
C ARG A 54 -18.90 -21.21 15.16
N ILE A 55 -19.38 -20.03 14.74
CA ILE A 55 -20.59 -19.95 13.95
C ILE A 55 -20.41 -20.72 12.64
N THR A 181 5.06 -21.57 17.98
CA THR A 181 5.67 -20.27 18.20
C THR A 181 4.99 -19.19 17.37
N SER A 182 3.74 -19.45 16.99
CA SER A 182 2.96 -18.51 16.18
C SER A 182 2.46 -17.38 17.07
N GLY A 183 2.99 -16.18 16.87
CA GLY A 183 2.60 -15.03 17.65
C GLY A 183 1.27 -14.40 17.26
N ILE A 184 0.60 -14.95 16.26
CA ILE A 184 -0.68 -14.42 15.78
C ILE A 184 -1.58 -15.60 15.42
N PHE A 185 -2.87 -15.47 15.73
CA PHE A 185 -3.85 -16.51 15.44
C PHE A 185 -5.07 -15.85 14.80
N GLU A 186 -5.28 -16.11 13.51
CA GLU A 186 -6.41 -15.57 12.78
C GLU A 186 -7.52 -16.60 12.72
N THR A 187 -8.75 -16.17 13.01
CA THR A 187 -9.91 -17.05 13.01
C THR A 187 -11.03 -16.37 12.24
N LYS A 188 -11.51 -17.03 11.18
CA LYS A 188 -12.58 -16.49 10.35
C LYS A 188 -13.90 -17.14 10.72
N PHE A 189 -14.93 -16.32 10.95
CA PHE A 189 -16.25 -16.83 11.25
C PHE A 189 -17.30 -15.95 10.59
N GLN A 190 -18.34 -16.58 10.05
CA GLN A 190 -19.38 -15.90 9.30
C GLN A 190 -20.64 -15.75 10.15
N VAL A 191 -21.16 -14.53 10.22
CA VAL A 191 -22.38 -14.23 10.96
C VAL A 191 -23.24 -13.33 10.09
N ASP A 192 -24.54 -13.64 10.01
CA ASP A 192 -25.49 -12.84 9.25
C ASP A 192 -24.99 -12.58 7.83
N LYS A 193 -24.30 -13.57 7.25
CA LYS A 193 -23.82 -13.50 5.88
C LYS A 193 -22.71 -12.48 5.69
N VAL A 194 -21.90 -12.25 6.72
CA VAL A 194 -20.72 -11.40 6.62
C VAL A 194 -19.61 -12.01 7.45
N ASN A 195 -18.38 -11.89 6.96
CA ASN A 195 -17.24 -12.54 7.58
C ASN A 195 -16.63 -11.65 8.66
N PHE A 196 -15.95 -12.29 9.60
CA PHE A 196 -15.21 -11.60 10.65
C PHE A 196 -13.91 -12.35 10.89
N HIS A 197 -12.80 -11.62 10.82
CA HIS A 197 -11.47 -12.17 11.01
C HIS A 197 -10.95 -11.69 12.37
N MET A 198 -11.13 -12.51 13.39
CA MET A 198 -10.67 -12.18 14.74
C MET A 198 -9.21 -12.58 14.90
N PHE A 199 -8.41 -11.65 15.42
CA PHE A 199 -6.97 -11.87 15.61
C PHE A 199 -6.69 -11.98 17.10
N ASP A 200 -6.26 -13.17 17.52
CA ASP A 200 -5.89 -13.43 18.91
C ASP A 200 -4.37 -13.49 19.01
N VAL A 201 -3.82 -12.79 20.00
CA VAL A 201 -2.38 -12.70 20.22
C VAL A 201 -2.13 -13.07 21.68
N GLY A 202 -1.81 -14.34 21.93
CA GLY A 202 -1.54 -14.80 23.28
C GLY A 202 -0.21 -15.52 23.40
N ALA A 203 0.65 -15.34 22.40
CA ALA A 203 1.95 -16.01 22.35
C ALA A 203 3.05 -15.00 22.03
N GLN A 204 3.01 -13.85 22.72
CA GLN A 204 3.99 -12.80 22.53
C GLN A 204 4.42 -12.28 23.89
N ARG A 205 5.39 -11.37 23.88
CA ARG A 205 5.92 -10.81 25.11
C ARG A 205 4.81 -10.09 25.88
N ASP A 206 5.09 -9.79 27.16
CA ASP A 206 4.10 -9.13 28.00
C ASP A 206 3.71 -7.78 27.44
N GLU A 207 4.69 -6.89 27.26
CA GLU A 207 4.40 -5.55 26.77
C GLU A 207 3.94 -5.62 25.31
N ARG A 208 3.00 -4.73 24.95
CA ARG A 208 2.44 -4.72 23.60
C ARG A 208 2.25 -3.30 23.07
N ARG A 209 3.13 -2.36 23.43
CA ARG A 209 2.95 -0.99 22.98
C ARG A 209 3.39 -0.78 21.53
N LYS A 210 4.19 -1.68 20.97
CA LYS A 210 4.72 -1.51 19.62
C LYS A 210 3.95 -2.31 18.58
N TRP A 211 3.84 -3.63 18.76
CA TRP A 211 3.16 -4.44 17.77
C TRP A 211 1.66 -4.19 17.73
N ILE A 212 1.13 -3.41 18.67
CA ILE A 212 -0.30 -3.08 18.66
C ILE A 212 -0.60 -1.99 17.63
N GLN A 213 0.41 -1.23 17.20
CA GLN A 213 0.15 -0.15 16.25
C GLN A 213 -0.33 -0.67 14.91
N CYS A 214 0.16 -1.84 14.50
CA CYS A 214 -0.20 -2.39 13.20
C CYS A 214 -1.68 -2.73 13.10
N PHE A 215 -2.38 -2.82 14.23
CA PHE A 215 -3.79 -3.21 14.25
C PHE A 215 -4.73 -2.01 14.18
N ASN A 216 -4.29 -0.90 13.58
CA ASN A 216 -5.18 0.24 13.39
C ASN A 216 -6.09 -0.02 12.20
N ASP A 217 -7.15 0.79 12.11
CA ASP A 217 -8.15 0.71 11.06
C ASP A 217 -8.96 -0.58 11.11
N VAL A 218 -8.78 -1.40 12.14
CA VAL A 218 -9.52 -2.65 12.26
C VAL A 218 -10.96 -2.34 12.63
N THR A 219 -11.83 -3.35 12.54
CA THR A 219 -13.24 -3.13 12.82
C THR A 219 -13.47 -2.85 14.31
N ALA A 220 -12.91 -3.67 15.18
CA ALA A 220 -13.10 -3.50 16.61
C ALA A 220 -12.05 -4.30 17.37
N ILE A 221 -11.96 -3.99 18.67
CA ILE A 221 -11.03 -4.65 19.58
C ILE A 221 -11.85 -5.24 20.71
N ILE A 222 -11.81 -6.56 20.85
CA ILE A 222 -12.55 -7.28 21.87
C ILE A 222 -11.59 -7.55 23.03
N PHE A 223 -11.81 -6.87 24.15
CA PHE A 223 -11.00 -7.05 25.35
C PHE A 223 -11.69 -8.04 26.28
N VAL A 224 -10.96 -9.06 26.70
CA VAL A 224 -11.49 -10.10 27.58
C VAL A 224 -10.90 -9.89 28.97
N VAL A 225 -11.72 -10.17 29.99
CA VAL A 225 -11.32 -9.99 31.38
C VAL A 225 -12.05 -11.03 32.23
N ASP A 226 -11.34 -11.59 33.20
CA ASP A 226 -11.92 -12.54 34.15
C ASP A 226 -12.67 -11.74 35.20
N SER A 227 -13.96 -11.51 34.96
CA SER A 227 -14.78 -10.71 35.87
C SER A 227 -15.03 -11.41 37.20
N SER A 228 -14.71 -12.70 37.31
CA SER A 228 -14.94 -13.44 38.54
C SER A 228 -13.75 -13.32 39.50
N ASP A 229 -12.54 -13.53 39.00
CA ASP A 229 -11.33 -13.45 39.83
C ASP A 229 -11.05 -11.98 40.14
N TYR A 230 -11.37 -11.57 41.37
CA TYR A 230 -11.15 -10.18 41.76
C TYR A 230 -9.67 -9.83 41.86
N ASN A 231 -8.80 -10.81 42.08
CA ASN A 231 -7.39 -10.52 42.24
C ASN A 231 -6.80 -9.92 40.96
N ARG A 232 -7.11 -10.51 39.81
CA ARG A 232 -6.61 -10.04 38.53
C ARG A 232 -7.45 -8.92 37.93
N LEU A 233 -8.51 -8.50 38.60
CA LEU A 233 -9.35 -7.43 38.06
C LEU A 233 -8.58 -6.12 37.97
N GLN A 234 -7.70 -5.86 38.93
CA GLN A 234 -6.90 -4.64 38.88
C GLN A 234 -6.00 -4.63 37.65
N GLU A 235 -5.30 -5.74 37.40
CA GLU A 235 -4.43 -5.82 36.23
C GLU A 235 -5.25 -5.75 34.95
N ALA A 236 -6.44 -6.34 34.95
CA ALA A 236 -7.30 -6.27 33.77
C ALA A 236 -7.72 -4.83 33.48
N LEU A 237 -8.10 -4.09 34.52
CA LEU A 237 -8.45 -2.68 34.33
C LEU A 237 -7.25 -1.86 33.87
N ASN A 238 -6.06 -2.17 34.40
CA ASN A 238 -4.86 -1.48 33.96
C ASN A 238 -4.60 -1.72 32.48
N ASP A 239 -4.71 -2.98 32.05
CA ASP A 239 -4.49 -3.30 30.64
C ASP A 239 -5.55 -2.65 29.76
N PHE A 240 -6.80 -2.61 30.24
CA PHE A 240 -7.85 -1.97 29.46
C PHE A 240 -7.60 -0.48 29.30
N LYS A 241 -7.17 0.18 30.39
CA LYS A 241 -6.86 1.61 30.29
C LYS A 241 -5.67 1.84 29.38
N SER A 242 -4.67 0.95 29.42
CA SER A 242 -3.52 1.11 28.54
C SER A 242 -3.93 0.96 27.08
N ILE A 243 -4.76 -0.02 26.78
CA ILE A 243 -5.21 -0.23 25.40
C ILE A 243 -6.17 0.87 24.95
N TRP A 244 -6.84 1.52 25.89
CA TRP A 244 -7.82 2.55 25.54
C TRP A 244 -7.15 3.89 25.28
N ASN A 245 -6.24 4.30 26.16
CA ASN A 245 -5.53 5.56 26.01
C ASN A 245 -4.36 5.48 25.04
N ASN A 246 -4.24 4.39 24.28
CA ASN A 246 -3.16 4.26 23.32
C ASN A 246 -3.28 5.32 22.23
N ARG A 247 -2.14 5.87 21.81
CA ARG A 247 -2.17 6.94 20.81
C ARG A 247 -2.56 6.42 19.43
N TRP A 248 -2.15 5.21 19.09
CA TRP A 248 -2.48 4.67 17.76
C TRP A 248 -3.88 4.08 17.73
N LEU A 249 -4.31 3.43 18.80
CA LEU A 249 -5.65 2.89 18.91
C LEU A 249 -6.64 3.92 19.46
N ARG A 250 -6.29 5.21 19.41
CA ARG A 250 -7.17 6.23 19.95
C ARG A 250 -8.49 6.31 19.21
N THR A 251 -8.48 6.03 17.91
CA THR A 251 -9.68 6.07 17.08
C THR A 251 -10.24 4.69 16.78
N ILE A 252 -9.94 3.70 17.63
CA ILE A 252 -10.38 2.32 17.43
C ILE A 252 -11.25 1.93 18.63
N SER A 253 -12.48 1.52 18.35
CA SER A 253 -13.37 1.06 19.41
C SER A 253 -12.81 -0.18 20.09
N VAL A 254 -13.14 -0.34 21.37
CA VAL A 254 -12.65 -1.44 22.18
C VAL A 254 -13.88 -2.16 22.74
N ILE A 255 -14.28 -3.25 22.08
CA ILE A 255 -15.38 -4.06 22.59
C ILE A 255 -14.95 -4.74 23.88
N LEU A 256 -15.88 -4.86 24.82
CA LEU A 256 -15.62 -5.43 26.13
C LEU A 256 -16.59 -6.57 26.40
N PHE A 257 -16.05 -7.76 26.62
CA PHE A 257 -16.84 -8.93 27.01
C PHE A 257 -16.41 -9.37 28.39
N LEU A 258 -17.29 -9.23 29.38
CA LEU A 258 -17.00 -9.64 30.75
C LEU A 258 -17.35 -11.12 30.87
N ASN A 259 -16.44 -11.96 30.37
CA ASN A 259 -16.67 -13.39 30.32
C ASN A 259 -16.66 -13.97 31.74
N LYS A 260 -17.08 -15.24 31.84
CA LYS A 260 -17.08 -15.98 33.10
C LYS A 260 -18.07 -15.36 34.08
N GLN A 261 -19.32 -15.19 33.64
CA GLN A 261 -20.36 -14.64 34.50
C GLN A 261 -20.89 -15.66 35.49
N ASP A 262 -20.90 -16.94 35.13
CA ASP A 262 -21.36 -17.97 36.05
C ASP A 262 -20.44 -18.08 37.26
N LEU A 263 -19.12 -18.06 37.02
CA LEU A 263 -18.18 -18.10 38.14
C LEU A 263 -18.31 -16.86 39.01
N LEU A 264 -18.50 -15.69 38.39
CA LEU A 264 -18.69 -14.47 39.16
C LEU A 264 -19.93 -14.57 40.04
N ALA A 265 -21.03 -15.08 39.48
CA ALA A 265 -22.25 -15.21 40.26
C ALA A 265 -22.06 -16.18 41.42
N GLU A 266 -21.46 -17.34 41.15
CA GLU A 266 -21.20 -18.31 42.20
C GLU A 266 -20.34 -17.71 43.30
N LYS A 267 -19.30 -16.96 42.93
CA LYS A 267 -18.40 -16.39 43.91
C LYS A 267 -19.10 -15.33 44.76
N VAL A 268 -19.84 -14.43 44.12
CA VAL A 268 -20.52 -13.37 44.86
C VAL A 268 -21.66 -13.92 45.70
N LEU A 269 -22.21 -15.09 45.33
CA LEU A 269 -23.25 -15.69 46.16
C LEU A 269 -22.64 -16.44 47.34
N ALA A 270 -21.49 -17.08 47.13
CA ALA A 270 -20.84 -17.80 48.23
C ALA A 270 -20.44 -16.84 49.35
N GLY A 271 -20.18 -15.58 49.03
CA GLY A 271 -19.82 -14.59 50.03
C GLY A 271 -18.43 -14.74 50.60
N LYS A 272 -17.66 -15.74 50.18
CA LYS A 272 -16.33 -15.93 50.71
C LYS A 272 -15.35 -14.91 50.15
N SER A 273 -15.62 -14.38 48.96
CA SER A 273 -14.78 -13.38 48.31
C SER A 273 -15.63 -12.16 47.99
N LYS A 274 -15.33 -11.04 48.62
CA LYS A 274 -16.07 -9.80 48.45
C LYS A 274 -15.23 -8.80 47.67
N ILE A 275 -15.87 -8.10 46.73
CA ILE A 275 -15.18 -7.08 45.96
C ILE A 275 -14.76 -5.92 46.86
N GLU A 276 -15.42 -5.73 47.99
CA GLU A 276 -15.06 -4.64 48.90
C GLU A 276 -13.62 -4.79 49.39
N ASP A 277 -13.13 -6.02 49.52
CA ASP A 277 -11.77 -6.23 49.99
C ASP A 277 -10.75 -5.57 49.07
N TYR A 278 -11.04 -5.48 47.77
CA TYR A 278 -10.13 -4.91 46.79
C TYR A 278 -10.54 -3.51 46.36
N PHE A 279 -11.84 -3.23 46.28
CA PHE A 279 -12.34 -1.93 45.86
C PHE A 279 -13.13 -1.29 46.99
N PRO A 280 -12.65 -0.21 47.61
CA PRO A 280 -13.45 0.42 48.68
C PRO A 280 -14.73 1.06 48.16
N GLU A 281 -14.72 1.56 46.91
CA GLU A 281 -15.93 2.16 46.35
C GLU A 281 -17.08 1.16 46.34
N PHE A 282 -16.78 -0.14 46.23
CA PHE A 282 -17.83 -1.14 46.24
C PHE A 282 -18.65 -1.10 47.53
N ALA A 283 -18.09 -0.56 48.62
CA ALA A 283 -18.83 -0.42 49.86
C ALA A 283 -19.78 0.78 49.85
N ARG A 284 -19.47 1.81 49.05
CA ARG A 284 -20.30 3.01 48.96
C ARG A 284 -20.92 3.15 47.57
N TYR A 285 -21.13 2.03 46.88
CA TYR A 285 -21.70 2.01 45.54
C TYR A 285 -23.15 1.54 45.61
N THR A 286 -24.05 2.37 45.09
CA THR A 286 -25.47 2.06 45.06
C THR A 286 -25.83 1.40 43.73
N THR A 287 -26.79 0.48 43.80
CA THR A 287 -27.23 -0.21 42.60
C THR A 287 -27.83 0.80 41.62
N PRO A 288 -27.47 0.75 40.34
CA PRO A 288 -28.05 1.70 39.38
C PRO A 288 -29.57 1.65 39.38
N GLU A 289 -30.18 2.82 39.32
CA GLU A 289 -31.65 2.90 39.30
C GLU A 289 -32.21 2.49 37.95
N ASP A 290 -31.50 2.82 36.86
CA ASP A 290 -31.92 2.46 35.51
C ASP A 290 -31.42 1.08 35.10
N ALA A 291 -31.05 0.24 36.06
CA ALA A 291 -30.53 -1.08 35.75
C ALA A 291 -31.61 -1.93 35.07
N THR A 292 -31.18 -3.09 34.58
CA THR A 292 -32.07 -4.06 33.93
C THR A 292 -31.72 -5.46 34.42
N PRO A 293 -32.04 -5.76 35.68
CA PRO A 293 -31.71 -7.09 36.21
C PRO A 293 -32.34 -8.20 35.40
N GLU A 294 -31.54 -9.21 35.08
CA GLU A 294 -32.02 -10.36 34.33
C GLU A 294 -32.89 -11.24 35.22
N PRO A 295 -33.80 -12.00 34.64
CA PRO A 295 -34.69 -12.85 35.45
C PRO A 295 -33.91 -13.94 36.18
N GLY A 296 -34.12 -14.02 37.48
CA GLY A 296 -33.47 -15.03 38.30
C GLY A 296 -32.12 -14.64 38.87
N GLU A 297 -31.72 -13.38 38.74
CA GLU A 297 -30.44 -12.92 39.25
C GLU A 297 -30.60 -12.39 40.67
N ASP A 298 -29.66 -12.76 41.53
CA ASP A 298 -29.66 -12.28 42.90
C ASP A 298 -29.24 -10.81 42.96
N PRO A 299 -29.81 -10.02 43.88
CA PRO A 299 -29.41 -8.61 43.97
C PRO A 299 -27.90 -8.40 44.05
N ARG A 300 -27.19 -9.26 44.78
CA ARG A 300 -25.74 -9.10 44.89
C ARG A 300 -25.06 -9.33 43.55
N VAL A 301 -25.48 -10.34 42.80
CA VAL A 301 -24.90 -10.60 41.49
C VAL A 301 -25.11 -9.39 40.58
N THR A 302 -26.34 -8.89 40.53
CA THR A 302 -26.64 -7.73 39.70
C THR A 302 -25.79 -6.53 40.10
N ARG A 303 -25.71 -6.27 41.40
CA ARG A 303 -24.95 -5.12 41.87
C ARG A 303 -23.48 -5.25 41.52
N ALA A 304 -22.91 -6.44 41.66
CA ALA A 304 -21.50 -6.64 41.35
C ALA A 304 -21.24 -6.46 39.86
N LYS A 305 -22.07 -7.07 39.02
CA LYS A 305 -21.86 -6.94 37.58
C LYS A 305 -22.03 -5.50 37.13
N TYR A 306 -23.00 -4.79 37.71
CA TYR A 306 -23.20 -3.39 37.33
C TYR A 306 -22.06 -2.51 37.85
N PHE A 307 -21.51 -2.82 39.01
CA PHE A 307 -20.34 -2.08 39.49
C PHE A 307 -19.15 -2.29 38.55
N ILE A 308 -18.93 -3.53 38.12
CA ILE A 308 -17.84 -3.80 37.18
C ILE A 308 -18.07 -3.03 35.88
N ARG A 309 -19.29 -3.08 35.36
CA ARG A 309 -19.58 -2.39 34.11
C ARG A 309 -19.43 -0.88 34.26
N LYS A 310 -19.80 -0.34 35.42
CA LYS A 310 -19.66 1.09 35.65
C LYS A 310 -18.19 1.49 35.73
N GLU A 311 -17.37 0.67 36.40
CA GLU A 311 -15.93 0.94 36.43
C GLU A 311 -15.36 0.94 35.02
N PHE A 312 -15.73 -0.06 34.21
CA PHE A 312 -15.22 -0.13 32.85
C PHE A 312 -15.68 1.07 32.02
N VAL A 313 -16.95 1.47 32.15
CA VAL A 313 -17.45 2.59 31.39
C VAL A 313 -16.79 3.88 31.83
N ASP A 314 -16.47 4.01 33.12
CA ASP A 314 -15.76 5.20 33.59
C ASP A 314 -14.34 5.24 33.05
N ILE A 315 -13.68 4.08 33.02
CA ILE A 315 -12.31 4.04 32.47
C ILE A 315 -12.34 4.31 30.97
N SER A 316 -13.44 3.95 30.30
CA SER A 316 -13.53 4.15 28.85
C SER A 316 -13.85 5.59 28.50
N THR A 317 -14.96 6.12 29.03
CA THR A 317 -15.39 7.47 28.69
C THR A 317 -14.32 8.50 29.00
N ALA A 318 -13.43 8.21 29.96
CA ALA A 318 -12.36 9.12 30.29
C ALA A 318 -11.50 9.41 29.06
N SER A 319 -11.52 10.66 28.61
CA SER A 319 -10.78 11.05 27.41
C SER A 319 -11.27 10.30 26.18
N GLY A 320 -12.54 9.91 26.17
CA GLY A 320 -13.08 9.20 25.02
C GLY A 320 -13.30 10.12 23.83
N ASP A 321 -13.94 11.26 24.06
CA ASP A 321 -14.22 12.27 23.04
C ASP A 321 -15.20 11.79 21.98
N GLY A 322 -15.84 10.64 22.18
CA GLY A 322 -16.79 10.11 21.22
C GLY A 322 -16.19 9.45 20.01
N ARG A 323 -14.94 9.77 19.66
CA ARG A 323 -14.31 9.12 18.51
C ARG A 323 -14.28 7.61 18.68
N HIS A 324 -14.27 7.11 19.91
CA HIS A 324 -14.31 5.69 20.18
C HIS A 324 -15.01 5.46 21.52
N ILE A 325 -15.90 4.47 21.55
CA ILE A 325 -16.67 4.15 22.74
C ILE A 325 -16.59 2.65 22.99
N CYS A 326 -16.68 2.27 24.26
CA CYS A 326 -16.66 0.87 24.66
C CYS A 326 -18.07 0.27 24.57
N TYR A 327 -18.11 -1.06 24.55
CA TYR A 327 -19.38 -1.80 24.47
C TYR A 327 -19.34 -2.94 25.49
N PRO A 328 -19.53 -2.64 26.77
CA PRO A 328 -19.56 -3.70 27.78
C PRO A 328 -20.73 -4.65 27.54
N HIS A 329 -20.42 -5.96 27.59
CA HIS A 329 -21.44 -6.98 27.40
C HIS A 329 -21.11 -8.16 28.30
N PHE A 330 -22.08 -8.58 29.11
CA PHE A 330 -21.90 -9.71 30.01
C PHE A 330 -22.06 -11.01 29.22
N THR A 331 -20.94 -11.69 28.97
CA THR A 331 -20.93 -12.92 28.19
C THR A 331 -20.74 -14.11 29.12
N CYS A 332 -21.57 -15.13 28.94
CA CYS A 332 -21.47 -16.35 29.73
C CYS A 332 -20.45 -17.30 29.12
N SER A 333 -20.24 -18.43 29.79
CA SER A 333 -19.27 -19.42 29.31
C SER A 333 -19.86 -20.36 28.27
N VAL A 334 -21.18 -20.43 28.16
CA VAL A 334 -21.85 -21.33 27.23
C VAL A 334 -22.82 -20.60 26.31
N ASP A 335 -23.01 -19.29 26.50
CA ASP A 335 -23.93 -18.54 25.65
C ASP A 335 -23.54 -18.62 24.19
N THR A 336 -24.37 -19.29 23.38
CA THR A 336 -24.08 -19.42 21.96
C THR A 336 -24.12 -18.08 21.25
N GLU A 337 -24.88 -17.11 21.79
CA GLU A 337 -24.98 -15.78 21.20
C GLU A 337 -23.76 -14.94 21.54
N ASN A 338 -22.60 -15.42 21.10
CA ASN A 338 -21.33 -14.74 21.33
C ASN A 338 -20.88 -13.94 20.12
N ALA A 339 -20.88 -14.55 18.93
CA ALA A 339 -20.58 -13.80 17.72
C ALA A 339 -21.68 -12.81 17.39
N ARG A 340 -22.92 -13.09 17.82
CA ARG A 340 -24.00 -12.14 17.65
C ARG A 340 -23.68 -10.82 18.34
N ARG A 341 -23.01 -10.90 19.50
CA ARG A 341 -22.56 -9.69 20.17
C ARG A 341 -21.56 -8.94 19.31
N ILE A 342 -20.62 -9.65 18.69
CA ILE A 342 -19.66 -9.01 17.80
C ILE A 342 -20.40 -8.29 16.67
N PHE A 343 -21.41 -8.95 16.08
CA PHE A 343 -22.13 -8.33 14.98
C PHE A 343 -22.87 -7.08 15.44
N ASN A 344 -23.59 -7.18 16.56
CA ASN A 344 -24.37 -6.05 17.05
C ASN A 344 -23.46 -4.88 17.46
N ASP A 345 -22.25 -5.18 17.93
CA ASP A 345 -21.33 -4.10 18.30
C ASP A 345 -20.68 -3.48 17.07
N CYS A 346 -20.25 -4.30 16.12
CA CYS A 346 -19.61 -3.77 14.93
C CYS A 346 -20.58 -2.97 14.07
N LYS A 347 -21.86 -3.36 14.03
CA LYS A 347 -22.83 -2.58 13.28
C LYS A 347 -22.91 -1.15 13.81
N ASP A 348 -23.08 -1.00 15.13
CA ASP A 348 -23.15 0.32 15.72
C ASP A 348 -21.82 1.06 15.60
N ILE A 349 -20.70 0.35 15.69
CA ILE A 349 -19.39 1.00 15.55
C ILE A 349 -19.25 1.60 14.16
N ILE A 350 -19.58 0.83 13.13
CA ILE A 350 -19.50 1.33 11.76
C ILE A 350 -20.50 2.46 11.55
N LEU A 351 -21.69 2.35 12.15
CA LEU A 351 -22.67 3.44 12.05
C LEU A 351 -22.10 4.73 12.62
N GLN A 352 -21.48 4.66 13.80
CA GLN A 352 -20.93 5.86 14.42
C GLN A 352 -19.74 6.40 13.64
N MET A 353 -18.91 5.51 13.10
CA MET A 353 -17.77 5.96 12.31
C MET A 353 -18.21 6.59 11.00
N ASN A 354 -19.35 6.15 10.45
CA ASN A 354 -19.86 6.74 9.22
C ASN A 354 -20.59 8.05 9.47
N LEU A 355 -21.27 8.17 10.62
CA LEU A 355 -21.93 9.43 10.95
C LEU A 355 -20.98 10.61 10.90
N ARG A 356 -19.69 10.37 11.18
CA ARG A 356 -18.69 11.42 11.17
C ARG A 356 -18.05 11.58 9.80
N GLU A 357 -17.68 10.47 9.16
CA GLU A 357 -17.01 10.55 7.86
C GLU A 357 -17.97 11.02 6.78
N TYR A 358 -19.21 10.56 6.81
CA TYR A 358 -20.20 10.93 5.80
C TYR A 358 -20.87 12.26 6.09
N ASN A 359 -20.39 13.02 7.07
CA ASN A 359 -20.85 14.38 7.33
C ASN A 359 -22.30 14.39 7.84
N LEU A 360 -22.61 13.48 8.75
CA LEU A 360 -23.92 13.47 9.39
C LEU A 360 -23.89 14.15 10.76
N VAL A 361 -22.90 13.80 11.59
CA VAL A 361 -22.77 14.40 12.91
C VAL A 361 -21.54 15.31 12.93
N GLU B 14 26.96 -9.92 47.16
CA GLU B 14 27.07 -10.30 45.72
C GLU B 14 26.25 -9.35 44.85
N LEU B 15 24.91 -9.45 44.97
CA LEU B 15 24.04 -8.62 44.15
C LEU B 15 24.33 -7.14 44.35
N ASP B 16 24.52 -6.71 45.60
CA ASP B 16 24.82 -5.30 45.85
C ASP B 16 26.19 -4.92 45.33
N GLN B 17 27.21 -5.75 45.59
CA GLN B 17 28.54 -5.46 45.09
C GLN B 17 28.57 -5.47 43.56
N LEU B 18 27.83 -6.40 42.95
CA LEU B 18 27.79 -6.45 41.49
C LEU B 18 27.09 -5.24 40.91
N ARG B 19 26.00 -4.79 41.55
CA ARG B 19 25.34 -3.57 41.10
C ARG B 19 26.25 -2.37 41.21
N GLN B 20 27.00 -2.27 42.32
CA GLN B 20 27.93 -1.16 42.48
C GLN B 20 29.03 -1.21 41.43
N GLU B 21 29.54 -2.40 41.13
CA GLU B 21 30.57 -2.53 40.11
C GLU B 21 30.02 -2.14 38.73
N ALA B 22 28.78 -2.54 38.43
CA ALA B 22 28.18 -2.16 37.16
C ALA B 22 27.99 -0.65 37.07
N GLU B 23 27.55 -0.02 38.16
CA GLU B 23 27.41 1.43 38.17
C GLU B 23 28.75 2.12 37.97
N GLN B 24 29.80 1.60 38.62
CA GLN B 24 31.12 2.19 38.46
C GLN B 24 31.62 2.03 37.02
N LEU B 25 31.36 0.88 36.41
CA LEU B 25 31.77 0.68 35.02
C LEU B 25 31.01 1.61 34.08
N LYS B 26 29.70 1.80 34.33
CA LYS B 26 28.93 2.73 33.52
C LYS B 26 29.45 4.16 33.66
N ASN B 27 29.79 4.55 34.90
CA ASN B 27 30.33 5.89 35.11
C ASN B 27 31.68 6.05 34.43
N GLN B 28 32.51 5.00 34.45
CA GLN B 28 33.81 5.07 33.79
C GLN B 28 33.64 5.18 32.27
N ILE B 29 32.70 4.41 31.70
CA ILE B 29 32.44 4.50 30.27
C ILE B 29 31.93 5.89 29.92
N ARG B 30 31.05 6.45 30.75
CA ARG B 30 30.56 7.80 30.50
C ARG B 30 31.68 8.82 30.55
N ASP B 31 32.57 8.71 31.54
CA ASP B 31 33.69 9.65 31.64
C ASP B 31 34.62 9.52 30.45
N ALA B 32 34.87 8.30 29.99
CA ALA B 32 35.73 8.10 28.83
C ALA B 32 35.09 8.67 27.56
N ARG B 33 33.78 8.47 27.40
CA ARG B 33 33.08 9.01 26.24
C ARG B 33 33.06 10.53 26.29
N LYS B 34 33.00 11.11 27.48
CA LYS B 34 33.01 12.56 27.62
C LYS B 34 34.39 13.14 27.36
N ALA B 35 35.44 12.44 27.77
CA ALA B 35 36.80 12.92 27.54
C ALA B 35 37.11 12.97 26.04
N CYS B 36 36.66 11.97 25.29
CA CYS B 36 36.85 11.96 23.85
C CYS B 36 35.92 12.92 23.12
N ALA B 37 34.94 13.50 23.81
CA ALA B 37 34.01 14.45 23.19
C ALA B 37 34.69 15.82 23.11
N ASP B 38 35.73 15.89 22.27
CA ASP B 38 36.47 17.13 22.11
C ASP B 38 35.57 18.26 21.64
N ALA B 39 34.61 17.95 20.77
CA ALA B 39 33.68 18.94 20.26
C ALA B 39 32.55 18.22 19.54
N THR B 40 31.50 18.96 19.22
CA THR B 40 30.36 18.41 18.52
C THR B 40 30.56 18.52 17.01
N LEU B 41 29.76 17.75 16.27
CA LEU B 41 29.84 17.77 14.81
C LEU B 41 29.52 19.14 14.24
N SER B 42 28.78 19.97 14.97
CA SER B 42 28.42 21.29 14.45
C SER B 42 29.65 22.16 14.24
N GLN B 43 30.54 22.22 15.23
CA GLN B 43 31.71 23.08 15.13
C GLN B 43 32.51 22.80 13.86
N ILE B 44 32.55 21.53 13.44
CA ILE B 44 33.33 21.17 12.27
C ILE B 44 32.51 21.25 10.98
N THR B 45 31.19 21.10 11.08
CA THR B 45 30.32 21.18 9.91
C THR B 45 29.78 22.57 9.66
N ASN B 46 30.35 23.60 10.28
CA ASN B 46 29.93 24.97 10.04
C ASN B 46 30.68 25.64 8.90
N ASN B 47 31.86 25.13 8.56
CA ASN B 47 32.64 25.70 7.46
C ASN B 47 32.26 25.13 6.10
N ILE B 48 31.74 23.89 6.07
CA ILE B 48 31.34 23.29 4.81
C ILE B 48 30.25 24.15 4.17
N ASP B 49 30.32 24.29 2.86
CA ASP B 49 29.34 25.09 2.14
C ASP B 49 27.94 24.54 2.35
N PRO B 50 26.91 25.36 2.23
CA PRO B 50 25.54 24.88 2.43
C PRO B 50 25.10 23.95 1.30
N VAL B 51 24.21 23.02 1.64
CA VAL B 51 23.72 22.06 0.66
C VAL B 51 22.56 22.61 -0.16
N GLY B 52 21.86 23.62 0.34
CA GLY B 52 20.71 24.15 -0.35
C GLY B 52 19.49 23.26 -0.23
N ARG B 53 18.43 23.65 -0.93
CA ARG B 53 17.19 22.89 -0.91
C ARG B 53 17.26 21.74 -1.91
N ILE B 54 16.85 20.55 -1.47
CA ILE B 54 16.77 19.38 -2.34
C ILE B 54 15.30 19.10 -2.61
N GLN B 55 14.77 19.67 -3.70
CA GLN B 55 13.36 19.55 -4.04
C GLN B 55 13.20 18.32 -4.94
N MET B 56 12.84 17.20 -4.34
CA MET B 56 12.65 15.95 -5.06
C MET B 56 11.20 15.86 -5.55
N ARG B 57 11.03 15.47 -6.80
CA ARG B 57 9.71 15.32 -7.41
C ARG B 57 9.42 13.84 -7.64
N THR B 58 8.13 13.50 -7.65
CA THR B 58 7.70 12.13 -7.81
C THR B 58 7.83 11.71 -9.27
N ARG B 59 8.67 10.71 -9.53
CA ARG B 59 8.84 10.19 -10.88
C ARG B 59 7.94 8.98 -11.13
N ARG B 60 7.64 8.19 -10.10
CA ARG B 60 6.79 7.01 -10.23
C ARG B 60 5.75 7.02 -9.13
N THR B 61 4.62 6.37 -9.40
CA THR B 61 3.53 6.26 -8.44
C THR B 61 2.97 4.85 -8.52
N LEU B 62 3.05 4.12 -7.41
CA LEU B 62 2.60 2.73 -7.36
C LEU B 62 1.18 2.68 -6.79
N ARG B 63 0.31 1.93 -7.46
CA ARG B 63 -1.09 1.81 -7.07
C ARG B 63 -1.53 0.35 -7.01
N GLY B 64 -0.61 -0.54 -6.63
CA GLY B 64 -0.91 -1.96 -6.59
C GLY B 64 -1.18 -2.48 -5.19
N HIS B 65 -0.50 -1.93 -4.19
CA HIS B 65 -0.67 -2.40 -2.83
C HIS B 65 -2.12 -2.23 -2.38
N LEU B 66 -2.57 -3.16 -1.54
CA LEU B 66 -3.93 -3.17 -1.03
C LEU B 66 -4.05 -2.58 0.37
N ALA B 67 -3.18 -3.02 1.28
CA ALA B 67 -3.19 -2.56 2.67
C ALA B 67 -2.00 -1.64 2.91
N LYS B 68 -1.83 -1.24 4.17
CA LYS B 68 -0.76 -0.33 4.54
C LYS B 68 0.60 -0.94 4.21
N ILE B 69 1.40 -0.20 3.44
CA ILE B 69 2.76 -0.63 3.14
C ILE B 69 3.60 -0.49 4.41
N TYR B 70 4.21 -1.59 4.84
CA TYR B 70 4.91 -1.63 6.12
C TYR B 70 6.36 -2.05 6.01
N ALA B 71 6.92 -2.15 4.81
CA ALA B 71 8.31 -2.52 4.65
C ALA B 71 8.74 -2.30 3.21
N MET B 72 10.05 -2.20 3.01
CA MET B 72 10.63 -2.01 1.69
C MET B 72 12.13 -2.15 1.80
N HIS B 73 12.79 -2.30 0.66
CA HIS B 73 14.23 -2.43 0.59
C HIS B 73 14.66 -2.41 -0.86
N TRP B 74 15.92 -2.03 -1.10
CA TRP B 74 16.50 -2.01 -2.43
C TRP B 74 17.54 -3.12 -2.53
N GLY B 75 17.36 -4.01 -3.51
CA GLY B 75 18.29 -5.09 -3.74
C GLY B 75 19.52 -4.63 -4.49
N THR B 76 20.35 -5.60 -4.87
CA THR B 76 21.57 -5.29 -5.61
C THR B 76 21.26 -4.53 -6.89
N ASP B 77 20.13 -4.81 -7.53
CA ASP B 77 19.71 -4.10 -8.72
C ASP B 77 18.79 -2.95 -8.34
N SER B 78 19.17 -1.73 -8.75
CA SER B 78 18.40 -0.53 -8.42
C SER B 78 17.12 -0.41 -9.22
N ARG B 79 16.75 -1.40 -10.03
CA ARG B 79 15.52 -1.34 -10.82
C ARG B 79 14.35 -2.06 -10.17
N LEU B 80 14.63 -3.11 -9.38
CA LEU B 80 13.58 -3.85 -8.68
C LEU B 80 13.44 -3.32 -7.27
N LEU B 81 12.19 -3.21 -6.81
CA LEU B 81 11.88 -2.66 -5.50
C LEU B 81 10.90 -3.57 -4.78
N VAL B 82 11.31 -4.14 -3.66
CA VAL B 82 10.45 -5.02 -2.86
C VAL B 82 9.66 -4.16 -1.88
N SER B 83 8.39 -4.49 -1.71
CA SER B 83 7.53 -3.77 -0.77
C SER B 83 6.46 -4.73 -0.23
N ALA B 84 6.27 -4.70 1.08
CA ALA B 84 5.32 -5.56 1.77
C ALA B 84 4.14 -4.75 2.28
N SER B 85 2.94 -5.31 2.13
CA SER B 85 1.72 -4.67 2.60
C SER B 85 1.11 -5.46 3.75
N GLN B 86 0.37 -4.77 4.61
CA GLN B 86 -0.18 -5.37 5.81
C GLN B 86 -1.25 -6.41 5.54
N ASP B 87 -1.58 -6.69 4.27
CA ASP B 87 -2.53 -7.74 3.92
C ASP B 87 -1.86 -9.07 3.61
N GLY B 88 -0.57 -9.19 3.87
CA GLY B 88 0.16 -10.42 3.58
C GLY B 88 0.49 -10.54 2.10
N LYS B 89 1.06 -9.49 1.53
CA LYS B 89 1.38 -9.45 0.11
C LYS B 89 2.72 -8.75 -0.10
N LEU B 90 3.65 -9.43 -0.76
CA LEU B 90 4.89 -8.82 -1.19
C LEU B 90 4.79 -8.51 -2.68
N ILE B 91 5.38 -7.39 -3.09
CA ILE B 91 5.34 -6.95 -4.48
C ILE B 91 6.73 -6.45 -4.86
N ILE B 92 7.30 -7.04 -5.91
CA ILE B 92 8.55 -6.59 -6.49
C ILE B 92 8.19 -5.78 -7.72
N TRP B 93 8.29 -4.46 -7.61
CA TRP B 93 7.96 -3.54 -8.68
C TRP B 93 9.19 -3.23 -9.54
N ASP B 94 8.93 -2.89 -10.79
CA ASP B 94 9.95 -2.37 -11.70
C ASP B 94 9.96 -0.86 -11.57
N SER B 95 10.97 -0.32 -10.88
CA SER B 95 11.00 1.12 -10.61
C SER B 95 11.00 1.92 -11.91
N TYR B 96 11.69 1.43 -12.94
CA TYR B 96 11.81 2.19 -14.18
C TYR B 96 10.48 2.21 -14.92
N THR B 97 9.97 1.04 -15.29
CA THR B 97 8.74 0.95 -16.07
C THR B 97 7.48 0.96 -15.22
N THR B 98 7.61 0.92 -13.90
CA THR B 98 6.49 0.91 -12.95
C THR B 98 5.75 -0.42 -12.95
N ASN B 99 6.14 -1.38 -13.79
CA ASN B 99 5.44 -2.64 -13.86
C ASN B 99 5.68 -3.47 -12.60
N LYS B 100 4.84 -4.47 -12.41
CA LYS B 100 4.94 -5.38 -11.28
C LYS B 100 5.73 -6.61 -11.71
N VAL B 101 6.97 -6.71 -11.23
CA VAL B 101 7.82 -7.83 -11.64
C VAL B 101 7.38 -9.11 -10.96
N HIS B 102 7.03 -9.04 -9.68
CA HIS B 102 6.62 -10.23 -8.94
C HIS B 102 5.55 -9.87 -7.92
N ALA B 103 4.67 -10.83 -7.65
CA ALA B 103 3.65 -10.71 -6.62
C ALA B 103 3.60 -12.01 -5.83
N ILE B 104 3.84 -11.91 -4.52
CA ILE B 104 3.95 -13.08 -3.65
C ILE B 104 2.85 -12.98 -2.60
N PRO B 105 1.88 -13.89 -2.58
CA PRO B 105 0.90 -13.91 -1.48
C PRO B 105 1.48 -14.62 -0.25
N LEU B 106 1.48 -13.92 0.88
CA LEU B 106 2.06 -14.44 2.10
C LEU B 106 0.99 -15.16 2.93
N ARG B 107 1.42 -16.24 3.60
CA ARG B 107 0.52 -16.96 4.49
C ARG B 107 0.24 -16.19 5.77
N SER B 108 1.04 -15.16 6.08
CA SER B 108 0.84 -14.31 7.24
C SER B 108 0.35 -12.95 6.77
N SER B 109 -0.75 -12.48 7.35
CA SER B 109 -1.31 -11.20 6.94
C SER B 109 -0.51 -10.03 7.50
N TRP B 110 -0.06 -10.12 8.75
CA TRP B 110 0.64 -9.03 9.41
C TRP B 110 2.13 -9.17 9.15
N VAL B 111 2.56 -8.67 7.99
CA VAL B 111 3.96 -8.64 7.60
C VAL B 111 4.49 -7.23 7.84
N MET B 112 5.63 -7.13 8.53
CA MET B 112 6.21 -5.85 8.89
C MET B 112 7.64 -5.67 8.40
N THR B 113 8.22 -6.68 7.76
CA THR B 113 9.60 -6.61 7.29
C THR B 113 9.72 -7.30 5.95
N CYS B 114 10.63 -6.78 5.12
CA CYS B 114 10.92 -7.38 3.82
C CYS B 114 12.26 -6.88 3.35
N ALA B 115 12.98 -7.74 2.64
CA ALA B 115 14.30 -7.41 2.14
C ALA B 115 14.56 -8.19 0.85
N TYR B 116 15.43 -7.64 0.01
CA TYR B 116 15.80 -8.25 -1.26
C TYR B 116 17.24 -8.73 -1.16
N ALA B 117 17.45 -10.03 -1.36
CA ALA B 117 18.77 -10.61 -1.22
C ALA B 117 19.76 -9.90 -2.16
N PRO B 118 21.05 -9.88 -1.81
CA PRO B 118 22.03 -9.22 -2.68
C PRO B 118 22.24 -9.95 -3.99
N SER B 119 21.75 -11.17 -4.14
CA SER B 119 21.88 -11.92 -5.39
C SER B 119 20.68 -11.76 -6.31
N GLY B 120 19.61 -11.10 -5.84
CA GLY B 120 18.43 -10.93 -6.66
C GLY B 120 17.59 -12.17 -6.85
N ASN B 121 17.84 -13.22 -6.07
CA ASN B 121 17.11 -14.48 -6.20
C ASN B 121 16.24 -14.82 -5.00
N TYR B 122 16.47 -14.21 -3.84
CA TYR B 122 15.72 -14.51 -2.64
C TYR B 122 15.19 -13.23 -2.01
N VAL B 123 14.03 -13.34 -1.38
CA VAL B 123 13.39 -12.24 -0.68
C VAL B 123 12.84 -12.74 0.64
N ALA B 124 13.17 -12.06 1.73
CA ALA B 124 12.74 -12.43 3.06
C ALA B 124 11.54 -11.61 3.50
N CYS B 125 10.79 -12.15 4.46
CA CYS B 125 9.65 -11.45 5.02
C CYS B 125 9.32 -12.05 6.38
N GLY B 126 8.55 -11.31 7.16
CA GLY B 126 8.16 -11.77 8.48
C GLY B 126 7.34 -10.72 9.18
N GLY B 127 6.90 -11.06 10.39
CA GLY B 127 6.10 -10.16 11.19
C GLY B 127 5.58 -10.78 12.46
N LEU B 128 4.29 -10.57 12.75
CA LEU B 128 3.69 -11.12 13.96
C LEU B 128 3.64 -12.64 13.97
N ASP B 129 3.85 -13.28 12.81
CA ASP B 129 3.85 -14.73 12.76
C ASP B 129 5.06 -15.34 13.47
N ASN B 130 6.10 -14.54 13.71
CA ASN B 130 7.32 -15.00 14.37
C ASN B 130 8.08 -16.04 13.56
N ILE B 131 7.80 -16.12 12.25
CA ILE B 131 8.44 -17.08 11.37
C ILE B 131 8.96 -16.31 10.15
N CYS B 132 10.28 -16.32 9.95
CA CYS B 132 10.89 -15.65 8.82
C CYS B 132 10.78 -16.54 7.59
N SER B 133 10.07 -16.05 6.57
CA SER B 133 9.85 -16.79 5.34
C SER B 133 10.70 -16.17 4.24
N ILE B 134 11.61 -16.96 3.67
CA ILE B 134 12.44 -16.54 2.55
C ILE B 134 11.95 -17.29 1.32
N TYR B 135 11.47 -16.55 0.33
CA TYR B 135 11.03 -17.09 -0.93
C TYR B 135 12.11 -16.91 -1.99
N ASN B 136 12.10 -17.79 -2.98
CA ASN B 136 13.04 -17.74 -4.09
C ASN B 136 12.34 -17.21 -5.32
N LEU B 137 13.02 -16.31 -6.05
CA LEU B 137 12.45 -15.68 -7.23
C LEU B 137 12.90 -16.33 -8.54
N LYS B 138 14.04 -17.01 -8.55
CA LYS B 138 14.57 -17.64 -9.76
C LYS B 138 14.35 -19.14 -9.76
N THR B 139 13.21 -19.59 -9.22
CA THR B 139 12.90 -21.01 -9.19
C THR B 139 12.71 -21.54 -10.60
N ARG B 140 13.13 -22.80 -10.81
CA ARG B 140 12.92 -23.44 -12.11
C ARG B 140 11.44 -23.50 -12.46
N GLU B 141 10.57 -23.58 -11.45
CA GLU B 141 9.14 -23.64 -11.68
C GLU B 141 8.51 -22.29 -12.00
N GLY B 142 9.29 -21.21 -11.94
CA GLY B 142 8.75 -19.89 -12.23
C GLY B 142 7.93 -19.28 -11.11
N ASN B 143 6.90 -20.00 -10.65
CA ASN B 143 6.09 -19.50 -9.55
C ASN B 143 6.94 -19.34 -8.29
N VAL B 144 6.50 -18.45 -7.42
CA VAL B 144 7.21 -18.18 -6.17
C VAL B 144 6.92 -19.33 -5.21
N ARG B 145 7.99 -19.93 -4.68
CA ARG B 145 7.90 -21.07 -3.78
C ARG B 145 8.46 -20.71 -2.43
N VAL B 146 7.97 -21.39 -1.39
CA VAL B 146 8.47 -21.19 -0.04
C VAL B 146 9.83 -21.86 0.09
N SER B 147 10.90 -21.07 -0.03
CA SER B 147 12.24 -21.64 0.02
C SER B 147 12.60 -22.10 1.43
N ARG B 148 12.42 -21.22 2.42
CA ARG B 148 12.76 -21.56 3.80
C ARG B 148 11.87 -20.77 4.74
N GLU B 149 10.98 -21.45 5.46
CA GLU B 149 10.14 -20.82 6.47
C GLU B 149 10.69 -21.21 7.84
N LEU B 150 11.68 -20.45 8.30
CA LEU B 150 12.38 -20.75 9.54
C LEU B 150 11.68 -20.12 10.73
N ALA B 151 11.70 -20.81 11.85
CA ALA B 151 11.08 -20.35 13.09
C ALA B 151 12.03 -20.59 14.26
N GLY B 152 11.63 -20.09 15.42
CA GLY B 152 12.43 -20.23 16.62
C GLY B 152 12.41 -18.99 17.50
N HIS B 153 11.93 -17.88 16.95
CA HIS B 153 11.84 -16.63 17.69
C HIS B 153 10.50 -16.53 18.41
N THR B 154 10.54 -16.20 19.69
CA THR B 154 9.33 -16.01 20.49
C THR B 154 8.87 -14.57 20.49
N GLY B 155 8.70 -14.00 19.31
CA GLY B 155 8.28 -12.61 19.20
C GLY B 155 8.15 -12.21 17.74
N TYR B 156 7.46 -11.09 17.53
CA TYR B 156 7.22 -10.60 16.19
C TYR B 156 8.52 -10.17 15.54
N LEU B 157 8.64 -10.47 14.24
CA LEU B 157 9.81 -10.06 13.47
C LEU B 157 9.66 -8.61 13.03
N SER B 158 10.71 -7.81 13.21
CA SER B 158 10.67 -6.38 12.94
C SER B 158 11.45 -6.00 11.69
N CYS B 159 12.57 -6.66 11.39
CA CYS B 159 13.37 -6.32 10.22
C CYS B 159 14.13 -7.55 9.77
N CYS B 160 14.48 -7.58 8.48
CA CYS B 160 15.23 -8.67 7.88
C CYS B 160 16.29 -8.09 6.96
N ARG B 161 17.46 -8.73 6.95
CA ARG B 161 18.58 -8.27 6.12
C ARG B 161 19.38 -9.48 5.68
N PHE B 162 19.64 -9.56 4.37
CA PHE B 162 20.42 -10.65 3.80
C PHE B 162 21.91 -10.32 3.84
N LEU B 163 22.71 -11.28 4.29
CA LEU B 163 24.16 -11.16 4.27
C LEU B 163 24.80 -11.88 3.09
N ASP B 164 24.14 -12.91 2.58
CA ASP B 164 24.63 -13.69 1.44
C ASP B 164 23.49 -14.57 0.97
N ASP B 165 23.77 -15.46 0.02
CA ASP B 165 22.76 -16.35 -0.53
C ASP B 165 22.44 -17.54 0.37
N ASN B 166 23.06 -17.61 1.55
CA ASN B 166 22.83 -18.72 2.47
C ASN B 166 22.62 -18.29 3.91
N GLN B 167 22.89 -17.04 4.27
CA GLN B 167 22.71 -16.57 5.63
C GLN B 167 21.86 -15.30 5.63
N ILE B 168 21.12 -15.10 6.71
CA ILE B 168 20.23 -13.93 6.83
C ILE B 168 20.11 -13.58 8.31
N VAL B 169 20.28 -12.31 8.63
CA VAL B 169 20.12 -11.82 9.99
C VAL B 169 18.70 -11.30 10.17
N THR B 170 18.12 -11.54 11.35
CA THR B 170 16.75 -11.14 11.63
C THR B 170 16.64 -10.67 13.06
N SER B 171 15.70 -9.77 13.29
CA SER B 171 15.40 -9.23 14.61
C SER B 171 13.94 -9.52 14.95
N SER B 172 13.71 -10.03 16.15
CA SER B 172 12.38 -10.44 16.58
C SER B 172 11.99 -9.69 17.85
N GLY B 173 10.71 -9.77 18.18
CA GLY B 173 10.20 -9.14 19.39
C GLY B 173 10.65 -9.79 20.68
N ASP B 174 11.36 -10.91 20.60
CA ASP B 174 11.88 -11.59 21.79
C ASP B 174 13.11 -10.92 22.36
N THR B 175 13.50 -9.75 21.84
CA THR B 175 14.62 -8.94 22.30
C THR B 175 15.96 -9.51 21.81
N THR B 176 15.97 -10.62 21.07
CA THR B 176 17.19 -11.25 20.61
C THR B 176 17.20 -11.29 19.09
N CYS B 177 18.29 -10.81 18.50
CA CYS B 177 18.53 -10.98 17.08
C CYS B 177 19.21 -12.32 16.83
N ALA B 178 19.15 -12.77 15.57
CA ALA B 178 19.72 -14.07 15.23
C ALA B 178 20.09 -14.11 13.76
N LEU B 179 21.26 -14.68 13.47
CA LEU B 179 21.69 -14.97 12.12
C LEU B 179 21.37 -16.43 11.82
N TRP B 180 20.50 -16.66 10.84
CA TRP B 180 20.06 -17.99 10.45
C TRP B 180 20.73 -18.39 9.14
N ASP B 181 20.83 -19.69 8.92
CA ASP B 181 21.34 -20.27 7.68
C ASP B 181 20.16 -20.77 6.85
N ILE B 182 20.12 -20.38 5.58
CA ILE B 182 19.03 -20.79 4.71
C ILE B 182 19.07 -22.30 4.49
N GLU B 183 20.21 -22.83 4.06
CA GLU B 183 20.32 -24.25 3.77
C GLU B 183 19.99 -25.09 5.00
N THR B 184 20.54 -24.72 6.15
CA THR B 184 20.29 -25.48 7.37
C THR B 184 18.95 -25.10 8.00
N GLY B 185 18.51 -23.86 7.83
CA GLY B 185 17.23 -23.43 8.39
C GLY B 185 17.24 -23.29 9.89
N GLN B 186 18.40 -22.98 10.48
CA GLN B 186 18.51 -22.80 11.92
C GLN B 186 19.42 -21.62 12.20
N GLN B 187 19.46 -21.20 13.46
CA GLN B 187 20.25 -20.05 13.88
C GLN B 187 21.73 -20.36 13.73
N THR B 188 22.38 -19.73 12.75
CA THR B 188 23.84 -19.80 12.69
C THR B 188 24.46 -19.23 13.96
N THR B 189 23.81 -18.22 14.54
CA THR B 189 24.26 -17.65 15.80
C THR B 189 23.14 -16.79 16.39
N THR B 190 23.15 -16.67 17.71
CA THR B 190 22.15 -15.90 18.44
C THR B 190 22.85 -14.91 19.36
N PHE B 191 22.32 -13.69 19.40
CA PHE B 191 22.89 -12.62 20.21
C PHE B 191 22.11 -12.47 21.51
N THR B 192 22.80 -11.99 22.54
CA THR B 192 22.18 -11.82 23.85
C THR B 192 21.00 -10.85 23.75
N GLY B 193 19.98 -11.10 24.56
CA GLY B 193 18.78 -10.28 24.50
C GLY B 193 19.02 -8.87 24.99
N HIS B 194 18.24 -7.94 24.44
CA HIS B 194 18.30 -6.54 24.83
C HIS B 194 17.37 -6.32 26.03
N THR B 195 17.20 -5.06 26.42
CA THR B 195 16.21 -4.73 27.45
C THR B 195 14.80 -4.62 26.88
N GLY B 196 14.67 -4.41 25.57
CA GLY B 196 13.37 -4.34 24.93
C GLY B 196 13.35 -5.06 23.60
N ASP B 197 12.23 -4.97 22.88
CA ASP B 197 12.09 -5.63 21.59
C ASP B 197 12.91 -4.91 20.53
N VAL B 198 13.64 -5.69 19.72
CA VAL B 198 14.43 -5.13 18.64
C VAL B 198 13.50 -4.74 17.50
N MET B 199 13.65 -3.52 17.00
CA MET B 199 12.72 -2.95 16.03
C MET B 199 13.30 -2.70 14.65
N SER B 200 14.63 -2.64 14.50
CA SER B 200 15.22 -2.33 13.22
C SER B 200 16.59 -2.98 13.11
N LEU B 201 17.09 -3.06 11.88
CA LEU B 201 18.40 -3.61 11.58
C LEU B 201 19.01 -2.85 10.42
N SER B 202 20.33 -2.95 10.29
CA SER B 202 21.06 -2.29 9.21
C SER B 202 22.42 -2.95 9.08
N LEU B 203 22.74 -3.42 7.88
CA LEU B 203 24.02 -4.08 7.63
C LEU B 203 25.08 -3.07 7.23
N ALA B 204 26.31 -3.35 7.63
CA ALA B 204 27.45 -2.53 7.23
C ALA B 204 27.95 -2.94 5.86
N PRO B 205 28.67 -2.05 5.17
CA PRO B 205 29.18 -2.41 3.83
C PRO B 205 30.09 -3.63 3.84
N ASP B 206 30.77 -3.90 4.96
CA ASP B 206 31.63 -5.07 5.04
C ASP B 206 30.85 -6.34 5.37
N THR B 207 29.62 -6.21 5.88
CA THR B 207 28.75 -7.33 6.24
C THR B 207 29.25 -8.09 7.46
N ARG B 208 30.31 -7.60 8.12
CA ARG B 208 30.85 -8.26 9.30
C ARG B 208 30.17 -7.81 10.57
N LEU B 209 29.84 -6.52 10.66
CA LEU B 209 29.18 -5.95 11.83
C LEU B 209 27.86 -5.32 11.41
N PHE B 210 26.93 -5.23 12.36
CA PHE B 210 25.64 -4.60 12.11
C PHE B 210 25.09 -4.05 13.40
N VAL B 211 24.49 -2.85 13.33
CA VAL B 211 23.93 -2.18 14.49
C VAL B 211 22.43 -2.42 14.52
N SER B 212 21.88 -2.61 15.72
CA SER B 212 20.47 -2.89 15.90
C SER B 212 19.95 -2.13 17.11
N GLY B 213 18.75 -1.58 16.97
CA GLY B 213 18.10 -0.85 18.04
C GLY B 213 16.84 -1.54 18.49
N ALA B 214 16.50 -1.37 19.77
CA ALA B 214 15.32 -1.98 20.37
C ALA B 214 14.51 -0.92 21.11
N CYS B 215 13.43 -1.36 21.75
CA CYS B 215 12.56 -0.44 22.46
C CYS B 215 13.33 0.37 23.49
N ASP B 216 14.30 -0.25 24.16
CA ASP B 216 15.13 0.48 25.10
C ASP B 216 15.95 1.54 24.38
N ALA B 217 16.21 2.65 25.07
CA ALA B 217 16.93 3.77 24.49
C ALA B 217 18.41 3.43 24.39
N SER B 218 18.73 2.59 23.41
CA SER B 218 20.10 2.16 23.18
C SER B 218 20.17 1.38 21.89
N ALA B 219 21.37 1.29 21.33
CA ALA B 219 21.63 0.55 20.11
C ALA B 219 22.93 -0.23 20.27
N LYS B 220 22.91 -1.49 19.85
CA LYS B 220 24.04 -2.40 20.04
C LYS B 220 24.63 -2.78 18.69
N LEU B 221 25.97 -2.78 18.62
CA LEU B 221 26.69 -3.14 17.41
C LEU B 221 27.16 -4.59 17.53
N TRP B 222 26.42 -5.51 16.93
CA TRP B 222 26.76 -6.91 16.98
C TRP B 222 27.68 -7.30 15.82
N ASP B 223 28.39 -8.40 16.01
CA ASP B 223 29.31 -8.93 15.01
C ASP B 223 28.75 -10.24 14.47
N VAL B 224 28.96 -10.47 13.16
CA VAL B 224 28.48 -11.70 12.55
C VAL B 224 29.39 -12.88 12.92
N ARG B 225 30.66 -12.63 13.19
CA ARG B 225 31.58 -13.72 13.53
C ARG B 225 31.33 -14.22 14.95
N GLU B 226 31.20 -13.31 15.91
CA GLU B 226 30.93 -13.66 17.29
C GLU B 226 29.71 -12.91 17.78
N GLY B 227 28.89 -13.57 18.60
CA GLY B 227 27.68 -12.97 19.11
C GLY B 227 27.92 -12.10 20.33
N MET B 228 28.51 -10.93 20.11
CA MET B 228 28.80 -10.00 21.20
C MET B 228 28.71 -8.58 20.66
N CYS B 229 28.05 -7.71 21.40
CA CYS B 229 27.90 -6.31 21.00
C CYS B 229 29.18 -5.56 21.35
N ARG B 230 29.97 -5.24 20.34
CA ARG B 230 31.23 -4.55 20.56
C ARG B 230 31.02 -3.16 21.16
N GLN B 231 29.90 -2.52 20.83
CA GLN B 231 29.58 -1.20 21.37
C GLN B 231 28.09 -1.13 21.66
N THR B 232 27.75 -0.30 22.65
CA THR B 232 26.36 -0.13 23.09
C THR B 232 26.14 1.35 23.38
N PHE B 233 25.50 2.04 22.44
CA PHE B 233 25.15 3.44 22.63
C PHE B 233 23.89 3.54 23.47
N THR B 234 23.88 4.47 24.42
CA THR B 234 22.76 4.65 25.34
C THR B 234 22.27 6.09 25.35
N GLY B 235 22.15 6.69 24.18
CA GLY B 235 21.65 8.05 24.07
C GLY B 235 20.33 8.13 23.31
N HIS B 236 19.25 8.41 24.02
CA HIS B 236 17.93 8.57 23.43
C HIS B 236 16.96 8.93 24.54
N GLU B 237 15.72 9.26 24.15
CA GLU B 237 14.67 9.58 25.10
C GLU B 237 13.35 8.92 24.70
N SER B 238 13.42 7.83 23.95
CA SER B 238 12.23 7.12 23.49
C SER B 238 12.68 5.81 22.85
N ASP B 239 11.72 5.09 22.28
CA ASP B 239 11.98 3.80 21.66
C ASP B 239 12.41 3.99 20.22
N ILE B 240 13.50 3.32 19.84
CA ILE B 240 14.03 3.40 18.48
C ILE B 240 13.14 2.59 17.56
N ASN B 241 12.73 3.19 16.43
CA ASN B 241 11.92 2.51 15.44
C ASN B 241 12.61 2.34 14.09
N ALA B 242 13.73 3.04 13.85
CA ALA B 242 14.44 2.95 12.59
C ALA B 242 15.94 3.12 12.84
N ILE B 243 16.73 2.58 11.92
CA ILE B 243 18.18 2.67 12.02
C ILE B 243 18.77 2.31 10.67
N CYS B 244 19.82 3.03 10.29
CA CYS B 244 20.46 2.81 9.00
C CYS B 244 21.96 3.11 9.13
N PHE B 245 22.76 2.34 8.40
CA PHE B 245 24.21 2.48 8.46
C PHE B 245 24.69 3.51 7.45
N PHE B 246 25.78 4.18 7.79
CA PHE B 246 26.37 5.16 6.88
C PHE B 246 27.05 4.43 5.72
N PRO B 247 27.01 4.98 4.51
CA PRO B 247 27.62 4.28 3.37
C PRO B 247 29.06 3.84 3.60
N ASN B 248 29.81 4.52 4.47
CA ASN B 248 31.18 4.14 4.75
C ASN B 248 31.28 3.04 5.79
N GLY B 249 30.39 3.03 6.78
CA GLY B 249 30.38 2.02 7.82
C GLY B 249 30.98 2.47 9.14
N ASN B 250 31.38 3.73 9.26
CA ASN B 250 31.96 4.25 10.50
C ASN B 250 30.92 4.92 11.40
N ALA B 251 29.72 5.21 10.89
CA ALA B 251 28.68 5.86 11.67
C ALA B 251 27.33 5.30 11.26
N PHE B 252 26.29 5.73 11.96
CA PHE B 252 24.93 5.28 11.67
C PHE B 252 23.94 6.20 12.38
N ALA B 253 22.81 6.43 11.74
CA ALA B 253 21.75 7.26 12.31
C ALA B 253 20.69 6.38 12.97
N THR B 254 20.18 6.85 14.11
CA THR B 254 19.14 6.18 14.85
C THR B 254 17.93 7.10 14.98
N GLY B 255 16.76 6.58 14.67
CA GLY B 255 15.53 7.34 14.75
C GLY B 255 14.56 6.70 15.72
N SER B 256 13.94 7.53 16.56
CA SER B 256 12.99 7.08 17.57
C SER B 256 11.69 7.84 17.40
N ASP B 257 10.71 7.51 18.25
CA ASP B 257 9.39 8.13 18.18
C ASP B 257 9.35 9.52 18.81
N ASP B 258 10.50 10.07 19.21
CA ASP B 258 10.56 11.40 19.81
C ASP B 258 10.76 12.49 18.76
N ALA B 259 10.67 12.16 17.47
CA ALA B 259 10.82 13.12 16.38
C ALA B 259 12.24 13.69 16.34
N THR B 260 13.23 12.90 16.73
CA THR B 260 14.62 13.35 16.75
C THR B 260 15.54 12.20 16.35
N CYS B 261 16.36 12.42 15.34
CA CYS B 261 17.38 11.46 14.93
C CYS B 261 18.70 11.80 15.58
N ARG B 262 19.55 10.78 15.73
CA ARG B 262 20.86 10.95 16.34
C ARG B 262 21.90 10.17 15.56
N LEU B 263 22.98 10.83 15.17
CA LEU B 263 24.05 10.21 14.38
C LEU B 263 25.14 9.73 15.33
N PHE B 264 25.17 8.43 15.58
CA PHE B 264 26.21 7.84 16.40
C PHE B 264 27.38 7.38 15.52
N ASP B 265 28.54 7.26 16.15
CA ASP B 265 29.77 6.87 15.45
C ASP B 265 30.38 5.67 16.14
N LEU B 266 30.90 4.74 15.34
CA LEU B 266 31.55 3.55 15.88
C LEU B 266 32.96 3.85 16.37
N ARG B 267 33.64 4.82 15.75
CA ARG B 267 35.00 5.14 16.14
C ARG B 267 35.03 6.03 17.39
N ALA B 268 34.17 7.06 17.42
CA ALA B 268 34.09 7.91 18.60
C ALA B 268 33.21 7.30 19.68
N ASP B 269 32.29 6.42 19.30
CA ASP B 269 31.41 5.74 20.24
C ASP B 269 30.54 6.73 21.02
N GLN B 270 29.84 7.58 20.28
CA GLN B 270 28.94 8.56 20.87
C GLN B 270 28.17 9.26 19.75
N GLU B 271 27.17 10.04 20.15
CA GLU B 271 26.38 10.80 19.19
C GLU B 271 27.18 11.96 18.64
N LEU B 272 27.10 12.17 17.33
CA LEU B 272 27.78 13.28 16.68
C LEU B 272 26.87 14.48 16.50
N MET B 273 25.62 14.27 16.08
CA MET B 273 24.68 15.35 15.88
C MET B 273 23.27 14.84 16.11
N THR B 274 22.43 15.72 16.65
CA THR B 274 21.03 15.42 16.93
C THR B 274 20.17 16.25 15.98
N TYR B 275 19.55 15.58 15.01
CA TYR B 275 18.66 16.23 14.06
C TYR B 275 17.27 16.31 14.68
N SER B 276 16.84 17.53 15.02
CA SER B 276 15.55 17.73 15.66
C SER B 276 15.07 19.14 15.35
N HIS B 277 13.75 19.33 15.46
CA HIS B 277 13.15 20.63 15.21
C HIS B 277 11.91 20.75 16.09
N ASP B 278 11.62 22.00 16.48
CA ASP B 278 10.50 22.23 17.40
C ASP B 278 9.16 21.98 16.72
N ASN B 279 9.05 22.27 15.42
CA ASN B 279 7.79 22.10 14.71
C ASN B 279 7.48 20.64 14.41
N ILE B 280 8.40 19.73 14.68
CA ILE B 280 8.20 18.30 14.43
C ILE B 280 7.92 17.64 15.78
N ILE B 281 6.69 17.16 15.96
CA ILE B 281 6.28 16.50 17.20
C ILE B 281 5.92 15.04 16.99
N CYS B 282 5.73 14.60 15.75
CA CYS B 282 5.37 13.22 15.47
C CYS B 282 6.61 12.35 15.38
N GLY B 283 6.52 11.14 15.92
CA GLY B 283 7.66 10.24 15.96
C GLY B 283 8.18 9.91 14.57
N ILE B 284 9.33 9.23 14.57
CA ILE B 284 10.01 8.83 13.34
C ILE B 284 9.83 7.32 13.17
N THR B 285 9.74 6.90 11.90
CA THR B 285 9.52 5.50 11.56
C THR B 285 10.57 4.92 10.63
N SER B 286 11.36 5.75 9.95
CA SER B 286 12.35 5.26 9.00
C SER B 286 13.52 6.23 8.94
N VAL B 287 14.69 5.70 8.59
CA VAL B 287 15.89 6.50 8.41
C VAL B 287 16.71 5.86 7.30
N SER B 288 17.34 6.69 6.47
CA SER B 288 18.14 6.20 5.37
C SER B 288 19.07 7.30 4.89
N PHE B 289 20.20 6.89 4.31
CA PHE B 289 21.20 7.79 3.75
C PHE B 289 21.29 7.60 2.25
N SER B 290 21.94 8.56 1.60
CA SER B 290 22.20 8.50 0.18
C SER B 290 23.51 7.73 -0.07
N LYS B 291 23.87 7.59 -1.34
CA LYS B 291 25.11 6.89 -1.68
C LYS B 291 26.33 7.61 -1.12
N SER B 292 26.23 8.94 -0.95
CA SER B 292 27.33 9.72 -0.40
C SER B 292 27.21 9.92 1.09
N GLY B 293 25.99 10.08 1.61
CA GLY B 293 25.76 10.26 3.03
C GLY B 293 25.40 11.67 3.45
N ARG B 294 25.52 12.65 2.55
CA ARG B 294 25.18 14.02 2.91
C ARG B 294 23.71 14.14 3.28
N LEU B 295 22.83 13.50 2.52
CA LEU B 295 21.39 13.62 2.70
C LEU B 295 20.90 12.47 3.57
N LEU B 296 20.48 12.79 4.79
CA LEU B 296 19.87 11.83 5.70
C LEU B 296 18.36 11.93 5.55
N LEU B 297 17.73 10.87 5.06
CA LEU B 297 16.29 10.84 4.83
C LEU B 297 15.61 10.09 5.96
N ALA B 298 14.54 10.67 6.50
CA ALA B 298 13.84 10.10 7.63
C ALA B 298 12.34 10.28 7.47
N GLY B 299 11.59 9.20 7.65
CA GLY B 299 10.14 9.25 7.56
C GLY B 299 9.53 9.61 8.90
N TYR B 300 8.62 10.57 8.89
CA TYR B 300 7.98 11.06 10.10
C TYR B 300 6.48 10.79 10.03
N ASP B 301 5.86 10.65 11.21
CA ASP B 301 4.45 10.35 11.31
C ASP B 301 3.55 11.54 11.00
N ASP B 302 4.11 12.64 10.51
CA ASP B 302 3.35 13.82 10.12
C ASP B 302 2.85 13.74 8.69
N PHE B 303 2.75 12.54 8.13
CA PHE B 303 2.27 12.33 6.76
C PHE B 303 3.22 12.96 5.74
N ASN B 304 4.52 12.84 6.01
CA ASN B 304 5.53 13.39 5.10
C ASN B 304 6.91 12.98 5.59
N CYS B 305 7.86 12.91 4.66
CA CYS B 305 9.24 12.56 4.95
C CYS B 305 10.10 13.83 4.92
N ASN B 306 11.23 13.75 5.61
CA ASN B 306 12.18 14.86 5.66
C ASN B 306 13.55 14.39 5.19
N VAL B 307 14.36 15.33 4.72
CA VAL B 307 15.71 15.07 4.25
C VAL B 307 16.58 16.19 4.80
N TRP B 308 17.46 15.85 5.74
CA TRP B 308 18.37 16.81 6.37
C TRP B 308 19.79 16.57 5.86
N ASP B 309 20.69 17.45 6.28
CA ASP B 309 22.11 17.34 5.94
C ASP B 309 22.84 16.61 7.06
N ALA B 310 23.44 15.47 6.74
CA ALA B 310 24.14 14.69 7.76
C ALA B 310 25.22 15.51 8.45
N LEU B 311 25.77 16.52 7.76
CA LEU B 311 26.81 17.36 8.32
C LEU B 311 26.25 18.67 8.86
N LYS B 312 25.54 19.43 8.02
CA LYS B 312 24.98 20.71 8.43
C LYS B 312 23.75 20.56 9.31
N ALA B 313 23.02 19.45 9.22
CA ALA B 313 21.82 19.17 9.99
C ALA B 313 20.66 20.10 9.61
N ASP B 314 20.79 20.88 8.54
CA ASP B 314 19.73 21.77 8.12
C ASP B 314 18.70 21.02 7.27
N ARG B 315 17.48 21.55 7.26
CA ARG B 315 16.40 20.95 6.48
C ARG B 315 16.69 21.14 5.00
N ALA B 316 17.07 20.06 4.32
CA ALA B 316 17.38 20.11 2.91
C ALA B 316 16.16 19.93 2.02
N GLY B 317 15.20 19.13 2.45
CA GLY B 317 14.01 18.90 1.64
C GLY B 317 12.90 18.24 2.43
N VAL B 318 11.70 18.34 1.89
CA VAL B 318 10.50 17.75 2.49
C VAL B 318 9.68 17.09 1.39
N LEU B 319 9.12 15.92 1.70
CA LEU B 319 8.32 15.13 0.77
C LEU B 319 6.92 15.01 1.38
N ALA B 320 5.97 15.77 0.85
CA ALA B 320 4.59 15.77 1.33
C ALA B 320 3.63 15.19 0.28
N GLY B 321 4.11 14.25 -0.54
CA GLY B 321 3.26 13.67 -1.55
C GLY B 321 2.28 12.65 -1.01
N HIS B 322 2.70 11.87 -0.02
CA HIS B 322 1.82 10.86 0.56
C HIS B 322 0.69 11.53 1.35
N ASP B 323 -0.32 10.73 1.68
CA ASP B 323 -1.47 11.20 2.42
C ASP B 323 -1.65 10.54 3.78
N ASN B 324 -0.90 9.48 4.08
CA ASN B 324 -0.98 8.78 5.35
C ASN B 324 0.41 8.72 5.99
N ARG B 325 0.47 8.15 7.19
CA ARG B 325 1.72 8.07 7.92
C ARG B 325 2.75 7.27 7.12
N VAL B 326 3.87 7.91 6.79
CA VAL B 326 4.93 7.21 6.08
C VAL B 326 5.49 6.10 6.96
N SER B 327 5.60 4.90 6.40
CA SER B 327 6.04 3.73 7.14
C SER B 327 7.51 3.41 6.92
N CYS B 328 8.00 3.49 5.68
CA CYS B 328 9.37 3.12 5.40
C CYS B 328 9.86 3.88 4.18
N LEU B 329 11.18 3.99 4.06
CA LEU B 329 11.81 4.63 2.91
C LEU B 329 13.18 4.03 2.69
N GLY B 330 13.66 4.11 1.45
CA GLY B 330 14.94 3.54 1.09
C GLY B 330 15.58 4.19 -0.12
N VAL B 331 16.89 4.37 -0.07
CA VAL B 331 17.66 4.95 -1.16
C VAL B 331 18.27 3.82 -1.98
N THR B 332 18.28 3.99 -3.30
CA THR B 332 18.88 2.99 -4.18
C THR B 332 20.37 2.85 -3.90
N ASP B 333 20.92 1.69 -4.26
CA ASP B 333 22.35 1.48 -4.10
C ASP B 333 23.17 2.46 -4.92
N ASP B 334 22.61 2.94 -6.04
CA ASP B 334 23.28 3.91 -6.89
C ASP B 334 22.78 5.34 -6.65
N GLY B 335 21.71 5.51 -5.88
CA GLY B 335 21.25 6.84 -5.53
C GLY B 335 20.47 7.56 -6.61
N MET B 336 19.92 6.84 -7.58
CA MET B 336 19.18 7.51 -8.65
C MET B 336 17.85 8.03 -8.15
N ALA B 337 17.18 7.30 -7.27
CA ALA B 337 15.89 7.71 -6.74
C ALA B 337 15.75 7.18 -5.32
N VAL B 338 14.64 7.54 -4.68
CA VAL B 338 14.33 7.13 -3.32
C VAL B 338 12.90 6.64 -3.27
N ALA B 339 12.69 5.42 -2.78
CA ALA B 339 11.35 4.88 -2.63
C ALA B 339 10.82 5.15 -1.23
N THR B 340 9.52 5.39 -1.14
CA THR B 340 8.87 5.67 0.15
C THR B 340 7.50 4.99 0.16
N GLY B 341 7.29 4.09 1.11
CA GLY B 341 6.02 3.41 1.29
C GLY B 341 5.34 3.89 2.56
N SER B 342 4.10 4.32 2.41
CA SER B 342 3.30 4.85 3.51
C SER B 342 2.07 3.98 3.73
N TRP B 343 1.31 4.32 4.77
CA TRP B 343 0.08 3.59 5.08
C TRP B 343 -1.06 3.89 4.12
N ASP B 344 -0.85 4.75 3.12
CA ASP B 344 -1.88 5.07 2.15
C ASP B 344 -1.97 4.06 1.02
N SER B 345 -1.34 2.88 1.17
CA SER B 345 -1.33 1.85 0.15
C SER B 345 -0.69 2.32 -1.15
N PHE B 346 0.06 3.43 -1.10
CA PHE B 346 0.69 4.01 -2.27
C PHE B 346 2.16 4.23 -1.99
N LEU B 347 3.03 3.63 -2.80
CA LEU B 347 4.47 3.83 -2.71
C LEU B 347 4.89 4.82 -3.78
N LYS B 348 5.68 5.81 -3.38
CA LYS B 348 6.11 6.88 -4.27
C LYS B 348 7.63 6.87 -4.40
N ILE B 349 8.11 6.99 -5.64
CA ILE B 349 9.54 7.10 -5.94
C ILE B 349 9.82 8.55 -6.28
N TRP B 350 10.81 9.14 -5.60
CA TRP B 350 11.16 10.54 -5.76
C TRP B 350 12.58 10.66 -6.31
N ASN B 351 12.82 11.75 -7.03
CA ASN B 351 14.15 12.02 -7.58
C ASN B 351 14.30 13.51 -7.90
N VAL C 1 9.92 -29.92 -14.58
CA VAL C 1 9.75 -29.07 -15.80
C VAL C 1 9.81 -29.94 -17.05
N GLN C 2 8.68 -30.04 -17.75
CA GLN C 2 8.60 -30.85 -18.95
C GLN C 2 7.55 -30.27 -19.89
N LEU C 3 7.84 -30.32 -21.18
CA LEU C 3 6.91 -29.90 -22.24
C LEU C 3 6.86 -31.01 -23.28
N VAL C 4 5.86 -31.89 -23.17
CA VAL C 4 5.75 -33.05 -24.03
C VAL C 4 4.74 -32.74 -25.13
N GLU C 5 5.20 -32.74 -26.37
CA GLU C 5 4.36 -32.45 -27.52
C GLU C 5 3.89 -33.74 -28.18
N SER C 6 2.76 -33.65 -28.88
CA SER C 6 2.18 -34.79 -29.57
C SER C 6 1.18 -34.28 -30.59
N GLY C 7 0.70 -35.20 -31.42
CA GLY C 7 -0.26 -34.89 -32.46
C GLY C 7 0.31 -34.93 -33.87
N GLY C 8 1.63 -35.02 -34.01
CA GLY C 8 2.24 -35.07 -35.32
C GLY C 8 1.88 -36.33 -36.08
N GLY C 9 2.41 -36.42 -37.29
CA GLY C 9 2.16 -37.54 -38.17
C GLY C 9 2.01 -37.06 -39.59
N LEU C 10 1.44 -37.92 -40.43
CA LEU C 10 1.23 -37.62 -41.84
C LEU C 10 -0.14 -36.98 -42.04
N VAL C 11 -0.17 -35.92 -42.85
CA VAL C 11 -1.42 -35.22 -43.17
C VAL C 11 -1.42 -34.92 -44.66
N GLN C 12 -2.56 -35.12 -45.30
CA GLN C 12 -2.68 -34.82 -46.72
C GLN C 12 -2.81 -33.32 -46.94
N PRO C 13 -2.50 -32.84 -48.14
CA PRO C 13 -2.63 -31.40 -48.41
C PRO C 13 -4.06 -30.93 -48.21
N GLY C 14 -4.19 -29.75 -47.59
CA GLY C 14 -5.49 -29.17 -47.32
C GLY C 14 -6.17 -29.67 -46.06
N GLY C 15 -5.61 -30.66 -45.39
CA GLY C 15 -6.19 -31.20 -44.18
C GLY C 15 -5.96 -30.29 -42.98
N SER C 16 -6.30 -30.82 -41.81
CA SER C 16 -6.14 -30.09 -40.56
C SER C 16 -5.53 -31.02 -39.52
N ARG C 17 -5.06 -30.43 -38.41
CA ARG C 17 -4.46 -31.21 -37.36
C ARG C 17 -4.31 -30.35 -36.11
N LYS C 18 -4.54 -30.95 -34.95
CA LYS C 18 -4.44 -30.26 -33.66
C LYS C 18 -3.22 -30.79 -32.92
N LEU C 19 -2.13 -30.02 -32.95
CA LEU C 19 -0.93 -30.38 -32.20
C LEU C 19 -1.10 -29.97 -30.73
N SER C 20 -0.93 -30.93 -29.82
CA SER C 20 -1.11 -30.71 -28.41
C SER C 20 0.23 -30.70 -27.70
N CYS C 21 0.29 -30.01 -26.56
CA CYS C 21 1.51 -29.92 -25.77
C CYS C 21 1.13 -29.89 -24.30
N SER C 22 1.53 -30.92 -23.56
CA SER C 22 1.28 -31.01 -22.14
C SER C 22 2.49 -30.44 -21.38
N ALA C 23 2.21 -29.50 -20.48
CA ALA C 23 3.24 -28.86 -19.68
C ALA C 23 3.13 -29.32 -18.23
N SER C 24 4.28 -29.49 -17.57
CA SER C 24 4.31 -29.90 -16.18
C SER C 24 5.56 -29.35 -15.52
N GLY C 25 5.54 -29.34 -14.19
CA GLY C 25 6.68 -28.89 -13.42
C GLY C 25 6.80 -27.40 -13.24
N PHE C 26 5.77 -26.63 -13.60
CA PHE C 26 5.80 -25.19 -13.45
C PHE C 26 4.40 -24.65 -13.69
N ALA C 27 4.23 -23.36 -13.41
CA ALA C 27 2.95 -22.67 -13.62
C ALA C 27 2.81 -22.40 -15.11
N PHE C 28 1.98 -23.18 -15.79
CA PHE C 28 1.82 -23.03 -17.24
C PHE C 28 1.24 -21.67 -17.59
N SER C 29 0.30 -21.17 -16.77
CA SER C 29 -0.31 -19.88 -17.06
C SER C 29 0.68 -18.74 -16.90
N SER C 30 1.64 -18.88 -16.00
CA SER C 30 2.61 -17.80 -15.76
C SER C 30 3.58 -17.61 -16.92
N PHE C 31 3.73 -18.62 -17.78
CA PHE C 31 4.67 -18.57 -18.89
C PHE C 31 3.92 -18.46 -20.20
N GLY C 32 4.30 -17.48 -21.02
CA GLY C 32 3.79 -17.41 -22.37
C GLY C 32 4.38 -18.50 -23.25
N MET C 33 3.59 -18.96 -24.21
CA MET C 33 3.96 -20.09 -25.04
C MET C 33 4.28 -19.63 -26.46
N HIS C 34 5.28 -20.28 -27.06
CA HIS C 34 5.69 -19.99 -28.43
C HIS C 34 5.76 -21.30 -29.20
N TRP C 35 5.02 -21.37 -30.31
CA TRP C 35 5.12 -22.48 -31.24
C TRP C 35 6.09 -22.09 -32.35
N VAL C 36 7.17 -22.86 -32.50
CA VAL C 36 8.24 -22.56 -33.45
C VAL C 36 8.46 -23.80 -34.31
N ARG C 37 8.49 -23.60 -35.62
CA ARG C 37 8.67 -24.70 -36.57
C ARG C 37 10.12 -24.78 -37.03
N GLN C 38 10.54 -25.99 -37.37
CA GLN C 38 11.87 -26.25 -37.93
C GLN C 38 11.70 -27.18 -39.12
N ALA C 39 12.03 -26.67 -40.31
CA ALA C 39 11.89 -27.47 -41.52
C ALA C 39 12.98 -28.54 -41.59
N PRO C 40 12.72 -29.63 -42.29
CA PRO C 40 13.72 -30.70 -42.37
C PRO C 40 15.00 -30.21 -43.04
N GLU C 41 16.13 -30.49 -42.40
CA GLU C 41 17.45 -30.11 -42.92
C GLU C 41 17.56 -28.59 -43.06
N LYS C 42 16.93 -27.87 -42.15
CA LYS C 42 16.96 -26.41 -42.14
C LYS C 42 16.90 -25.93 -40.69
N GLY C 43 16.88 -24.61 -40.53
CA GLY C 43 16.89 -24.00 -39.22
C GLY C 43 15.49 -23.77 -38.67
N LEU C 44 15.45 -23.02 -37.57
CA LEU C 44 14.20 -22.73 -36.88
C LEU C 44 13.43 -21.64 -37.60
N GLU C 45 12.15 -21.49 -37.21
CA GLU C 45 11.30 -20.44 -37.77
C GLU C 45 10.10 -20.27 -36.85
N TRP C 46 9.96 -19.08 -36.28
CA TRP C 46 8.84 -18.82 -35.37
C TRP C 46 7.52 -18.90 -36.11
N VAL C 47 6.50 -19.40 -35.41
CA VAL C 47 5.17 -19.57 -36.01
C VAL C 47 4.15 -18.74 -35.25
N ALA C 48 3.97 -19.02 -33.96
CA ALA C 48 2.90 -18.37 -33.21
C ALA C 48 3.34 -18.14 -31.78
N TYR C 49 2.62 -17.23 -31.11
CA TYR C 49 2.88 -16.91 -29.73
C TYR C 49 1.57 -16.56 -29.04
N ILE C 50 1.39 -17.08 -27.82
CA ILE C 50 0.23 -16.79 -26.99
C ILE C 50 0.72 -16.36 -25.61
N SER C 51 0.27 -15.20 -25.17
CA SER C 51 0.70 -14.64 -23.90
C SER C 51 -0.06 -15.29 -22.74
N SER C 52 0.25 -14.84 -21.53
CA SER C 52 -0.40 -15.37 -20.34
C SER C 52 -1.87 -14.95 -20.32
N GLY C 53 -2.72 -15.86 -19.85
CA GLY C 53 -4.14 -15.58 -19.78
C GLY C 53 -4.82 -15.35 -21.11
N SER C 54 -4.16 -15.69 -22.22
CA SER C 54 -4.73 -15.49 -23.56
C SER C 54 -5.05 -14.03 -23.82
N GLY C 55 -4.31 -13.12 -23.20
CA GLY C 55 -4.55 -11.70 -23.39
C GLY C 55 -4.01 -11.14 -24.68
N THR C 56 -3.06 -11.84 -25.31
CA THR C 56 -2.47 -11.39 -26.56
C THR C 56 -2.02 -12.61 -27.35
N ILE C 57 -2.21 -12.55 -28.67
CA ILE C 57 -1.85 -13.64 -29.57
C ILE C 57 -1.23 -13.04 -30.82
N TYR C 58 -0.16 -13.67 -31.31
CA TYR C 58 0.51 -13.21 -32.52
C TYR C 58 0.88 -14.39 -33.39
N TYR C 59 0.92 -14.16 -34.70
CA TYR C 59 1.30 -15.18 -35.66
C TYR C 59 2.24 -14.57 -36.69
N ALA C 60 2.95 -15.44 -37.40
CA ALA C 60 3.84 -14.99 -38.47
C ALA C 60 3.03 -14.62 -39.71
N ASP C 61 3.58 -13.69 -40.49
CA ASP C 61 2.88 -13.21 -41.68
C ASP C 61 2.57 -14.35 -42.65
N THR C 62 3.37 -15.42 -42.63
CA THR C 62 3.17 -16.54 -43.53
C THR C 62 2.20 -17.57 -43.00
N VAL C 63 1.94 -17.58 -41.69
CA VAL C 63 1.08 -18.59 -41.07
C VAL C 63 -0.24 -18.02 -40.60
N LYS C 64 -0.48 -16.72 -40.77
CA LYS C 64 -1.75 -16.14 -40.36
C LYS C 64 -2.90 -16.76 -41.15
N GLY C 65 -4.04 -16.91 -40.49
CA GLY C 65 -5.25 -17.45 -41.10
C GLY C 65 -5.39 -18.95 -40.97
N ARG C 66 -4.32 -19.70 -41.20
CA ARG C 66 -4.40 -21.15 -41.16
C ARG C 66 -4.23 -21.68 -39.74
N PHE C 67 -3.16 -21.25 -39.06
CA PHE C 67 -2.86 -21.76 -37.73
C PHE C 67 -3.50 -20.88 -36.67
N THR C 68 -4.03 -21.52 -35.62
CA THR C 68 -4.61 -20.82 -34.49
C THR C 68 -4.16 -21.49 -33.20
N ILE C 69 -3.66 -20.70 -32.27
CA ILE C 69 -3.10 -21.20 -31.01
C ILE C 69 -4.07 -20.90 -29.89
N SER C 70 -4.14 -21.82 -28.92
CA SER C 70 -4.98 -21.65 -27.75
C SER C 70 -4.33 -22.38 -26.59
N ARG C 71 -4.77 -22.05 -25.37
CA ARG C 71 -4.20 -22.64 -24.17
C ARG C 71 -5.30 -22.92 -23.15
N ASP C 72 -5.31 -24.14 -22.63
CA ASP C 72 -6.24 -24.55 -21.59
C ASP C 72 -5.48 -24.53 -20.27
N ASP C 73 -5.72 -23.50 -19.47
CA ASP C 73 -4.99 -23.30 -18.22
C ASP C 73 -5.47 -24.27 -17.14
N PRO C 74 -6.78 -24.49 -16.99
CA PRO C 74 -7.23 -25.48 -16.00
C PRO C 74 -6.52 -26.82 -16.11
N LYS C 75 -6.15 -27.24 -17.32
CA LYS C 75 -5.46 -28.50 -17.55
C LYS C 75 -3.97 -28.32 -17.85
N ASN C 76 -3.49 -27.07 -17.93
CA ASN C 76 -2.09 -26.79 -18.24
C ASN C 76 -1.68 -27.48 -19.54
N THR C 77 -2.35 -27.07 -20.63
CA THR C 77 -2.11 -27.65 -21.93
C THR C 77 -2.15 -26.55 -22.99
N LEU C 78 -1.45 -26.78 -24.10
CA LEU C 78 -1.44 -25.86 -25.22
C LEU C 78 -1.88 -26.61 -26.47
N PHE C 79 -2.62 -25.93 -27.35
CA PHE C 79 -3.12 -26.53 -28.58
C PHE C 79 -2.86 -25.60 -29.75
N LEU C 80 -2.51 -26.18 -30.89
CA LEU C 80 -2.31 -25.44 -32.13
C LEU C 80 -3.08 -26.15 -33.23
N GLN C 81 -4.16 -25.54 -33.69
CA GLN C 81 -5.01 -26.11 -34.74
C GLN C 81 -4.59 -25.53 -36.08
N MET C 82 -4.20 -26.39 -36.99
CA MET C 82 -3.80 -26.00 -38.34
C MET C 82 -4.84 -26.50 -39.33
N THR C 83 -5.19 -25.62 -40.28
CA THR C 83 -6.18 -25.93 -41.31
C THR C 83 -5.62 -25.57 -42.67
N SER C 84 -6.08 -26.28 -43.69
CA SER C 84 -5.61 -26.09 -45.06
C SER C 84 -4.09 -26.24 -45.14
N LEU C 85 -3.59 -27.33 -44.55
CA LEU C 85 -2.15 -27.55 -44.50
C LEU C 85 -1.57 -27.66 -45.90
N ARG C 86 -0.51 -26.90 -46.15
CA ARG C 86 0.17 -26.89 -47.44
C ARG C 86 1.32 -27.90 -47.44
N SER C 87 1.95 -28.05 -48.60
CA SER C 87 3.04 -29.01 -48.73
C SER C 87 4.27 -28.59 -47.93
N GLU C 88 4.52 -27.28 -47.84
CA GLU C 88 5.69 -26.80 -47.12
C GLU C 88 5.57 -27.01 -45.62
N ASP C 89 4.37 -27.33 -45.11
CA ASP C 89 4.17 -27.46 -43.68
C ASP C 89 4.96 -28.59 -43.06
N THR C 90 5.55 -29.47 -43.87
CA THR C 90 6.36 -30.57 -43.34
C THR C 90 7.50 -30.02 -42.49
N ALA C 91 7.46 -30.27 -41.19
CA ALA C 91 8.46 -29.73 -40.27
C ALA C 91 8.17 -30.27 -38.88
N MET C 92 9.09 -29.97 -37.95
CA MET C 92 8.94 -30.34 -36.55
C MET C 92 8.62 -29.09 -35.73
N TYR C 93 7.53 -29.13 -34.99
CA TYR C 93 7.07 -28.00 -34.20
C TYR C 93 7.42 -28.20 -32.74
N TYR C 94 7.89 -27.12 -32.10
CA TYR C 94 8.30 -27.13 -30.71
C TYR C 94 7.55 -26.05 -29.94
N CYS C 95 7.18 -26.38 -28.71
CA CYS C 95 6.54 -25.44 -27.79
C CYS C 95 7.57 -24.98 -26.77
N VAL C 96 7.70 -23.67 -26.60
CA VAL C 96 8.71 -23.07 -25.73
C VAL C 96 8.02 -22.14 -24.74
N ARG C 97 8.50 -22.15 -23.50
CA ARG C 97 7.99 -21.27 -22.46
C ARG C 97 8.86 -20.02 -22.35
N SER C 98 8.23 -18.90 -22.04
CA SER C 98 8.95 -17.64 -21.91
C SER C 98 8.21 -16.73 -20.95
N ILE C 99 8.92 -16.24 -19.93
CA ILE C 99 8.40 -15.27 -18.98
C ILE C 99 9.20 -13.99 -19.14
N TYR C 100 8.52 -12.86 -19.23
CA TYR C 100 9.13 -11.58 -19.56
C TYR C 100 9.10 -10.67 -18.34
N TYR C 101 10.28 -10.39 -17.79
CA TYR C 101 10.43 -9.41 -16.72
C TYR C 101 11.92 -9.16 -16.55
N TYR C 102 12.25 -8.06 -15.86
CA TYR C 102 13.65 -7.69 -15.67
C TYR C 102 14.41 -8.80 -14.96
N GLY C 103 15.52 -9.21 -15.55
CA GLY C 103 16.32 -10.29 -15.03
C GLY C 103 15.88 -11.67 -15.44
N SER C 104 14.83 -11.79 -16.24
CA SER C 104 14.32 -13.07 -16.67
C SER C 104 15.18 -13.64 -17.80
N SER C 105 14.79 -14.81 -18.30
CA SER C 105 15.49 -15.47 -19.41
C SER C 105 14.43 -16.11 -20.30
N PRO C 106 13.75 -15.31 -21.13
CA PRO C 106 12.74 -15.88 -22.01
C PRO C 106 13.30 -16.99 -22.89
N PHE C 107 12.43 -17.96 -23.21
CA PHE C 107 12.80 -19.11 -24.02
C PHE C 107 13.89 -19.94 -23.33
N ASP C 108 13.64 -20.28 -22.06
CA ASP C 108 14.62 -21.00 -21.26
C ASP C 108 14.45 -22.52 -21.35
N PHE C 109 13.26 -23.01 -21.66
CA PHE C 109 12.99 -24.44 -21.70
C PHE C 109 12.29 -24.76 -23.01
N TRP C 110 12.89 -25.66 -23.80
CA TRP C 110 12.35 -26.06 -25.10
C TRP C 110 11.81 -27.48 -25.01
N GLY C 111 10.58 -27.68 -25.48
CA GLY C 111 9.99 -29.00 -25.48
C GLY C 111 10.59 -29.89 -26.54
N GLN C 112 10.23 -31.18 -26.46
CA GLN C 112 10.75 -32.15 -27.41
C GLN C 112 10.17 -31.94 -28.80
N GLY C 113 8.96 -31.41 -28.89
CA GLY C 113 8.33 -31.14 -30.17
C GLY C 113 7.76 -32.39 -30.81
N THR C 114 7.10 -32.18 -31.95
CA THR C 114 6.48 -33.27 -32.70
C THR C 114 6.62 -32.99 -34.19
N THR C 115 6.83 -34.04 -34.97
CA THR C 115 7.02 -33.92 -36.41
C THR C 115 5.70 -34.08 -37.14
N LEU C 116 5.41 -33.17 -38.06
CA LEU C 116 4.21 -33.22 -38.89
C LEU C 116 4.64 -33.12 -40.34
N THR C 117 4.33 -34.16 -41.11
CA THR C 117 4.72 -34.24 -42.51
C THR C 117 3.49 -34.15 -43.40
N VAL C 118 3.70 -33.62 -44.60
CA VAL C 118 2.62 -33.45 -45.59
C VAL C 118 2.88 -34.40 -46.75
N SER C 119 1.80 -34.81 -47.42
CA SER C 119 1.89 -35.71 -48.54
C SER C 119 2.54 -37.03 -48.14
N ALA C 136 8.70 -8.12 -43.80
CA ALA C 136 9.56 -6.96 -43.64
C ALA C 136 10.17 -6.92 -42.23
N ASP C 137 9.92 -7.95 -41.45
CA ASP C 137 10.45 -8.01 -40.10
C ASP C 137 11.99 -8.10 -40.13
N ILE C 138 12.59 -7.99 -38.95
CA ILE C 138 14.04 -8.05 -38.86
C ILE C 138 14.50 -9.44 -39.27
N VAL C 139 15.57 -9.48 -40.08
CA VAL C 139 16.12 -10.72 -40.59
C VAL C 139 17.51 -10.92 -39.99
N MET C 140 17.81 -12.15 -39.61
CA MET C 140 19.10 -12.52 -39.02
C MET C 140 19.87 -13.35 -40.03
N THR C 141 21.07 -12.91 -40.39
CA THR C 141 21.91 -13.57 -41.38
C THR C 141 23.26 -13.88 -40.75
N GLN C 142 23.64 -15.16 -40.79
CA GLN C 142 24.93 -15.61 -40.29
C GLN C 142 25.89 -15.82 -41.44
N ALA C 143 27.15 -15.46 -41.22
CA ALA C 143 28.14 -15.54 -42.30
C ALA C 143 28.48 -16.98 -42.65
N THR C 144 28.81 -17.79 -41.64
CA THR C 144 29.21 -19.17 -41.83
C THR C 144 28.15 -20.11 -41.29
N SER C 145 27.90 -21.20 -42.01
CA SER C 145 26.93 -22.20 -41.60
C SER C 145 27.55 -23.41 -40.91
N SER C 146 28.82 -23.69 -41.17
CA SER C 146 29.51 -24.81 -40.55
C SER C 146 30.97 -24.44 -40.34
N VAL C 147 31.49 -24.76 -39.15
CA VAL C 147 32.87 -24.45 -38.79
C VAL C 147 33.51 -25.70 -38.21
N PRO C 148 34.52 -26.27 -38.86
CA PRO C 148 35.19 -27.44 -38.26
C PRO C 148 36.09 -27.03 -37.11
N VAL C 149 36.05 -27.83 -36.04
CA VAL C 149 36.84 -27.54 -34.84
C VAL C 149 36.89 -28.81 -34.00
N THR C 150 37.96 -28.96 -33.24
CA THR C 150 38.18 -30.10 -32.37
C THR C 150 38.19 -29.66 -30.91
N PRO C 151 38.03 -30.58 -29.97
CA PRO C 151 38.03 -30.20 -28.55
C PRO C 151 39.33 -29.52 -28.15
N GLY C 152 39.22 -28.53 -27.26
CA GLY C 152 40.35 -27.79 -26.75
C GLY C 152 40.45 -26.37 -27.30
N GLU C 153 40.03 -26.16 -28.53
CA GLU C 153 40.10 -24.85 -29.16
C GLU C 153 38.84 -24.04 -28.85
N SER C 154 38.92 -22.75 -29.14
CA SER C 154 37.81 -21.82 -28.94
C SER C 154 37.16 -21.48 -30.27
N VAL C 155 35.88 -21.13 -30.23
CA VAL C 155 35.11 -20.81 -31.41
C VAL C 155 34.50 -19.43 -31.26
N SER C 156 34.32 -18.74 -32.39
CA SER C 156 33.74 -17.39 -32.41
C SER C 156 32.76 -17.32 -33.58
N ILE C 157 31.49 -17.60 -33.29
CA ILE C 157 30.45 -17.54 -34.31
C ILE C 157 29.97 -16.11 -34.45
N SER C 158 29.84 -15.65 -35.69
CA SER C 158 29.40 -14.29 -35.98
C SER C 158 27.94 -14.28 -36.42
N CYS C 159 27.31 -13.12 -36.26
CA CYS C 159 25.92 -12.95 -36.65
C CYS C 159 25.69 -11.50 -37.07
N ARG C 160 24.93 -11.33 -38.16
CA ARG C 160 24.63 -10.01 -38.70
C ARG C 160 23.11 -9.83 -38.78
N SER C 161 22.67 -8.59 -38.60
CA SER C 161 21.26 -8.25 -38.66
C SER C 161 21.06 -7.00 -39.50
N SER C 162 19.88 -6.87 -40.08
CA SER C 162 19.57 -5.73 -40.93
C SER C 162 19.07 -4.52 -40.15
N LYS C 163 18.62 -4.73 -38.90
CA LYS C 163 18.12 -3.66 -38.07
C LYS C 163 18.76 -3.74 -36.69
N SER C 164 19.15 -2.58 -36.15
CA SER C 164 19.79 -2.54 -34.85
C SER C 164 18.82 -3.00 -33.77
N LEU C 165 19.18 -4.08 -33.08
CA LEU C 165 18.35 -4.61 -32.00
C LEU C 165 18.46 -3.80 -30.72
N LEU C 166 19.34 -2.79 -30.68
CA LEU C 166 19.51 -1.96 -29.49
C LEU C 166 18.32 -1.00 -29.38
N HIS C 167 17.38 -1.35 -28.50
CA HIS C 167 16.21 -0.51 -28.30
C HIS C 167 16.54 0.68 -27.41
N SER C 168 15.64 1.66 -27.40
CA SER C 168 15.86 2.86 -26.60
C SER C 168 16.08 2.55 -25.13
N ASN C 169 15.61 1.40 -24.65
CA ASN C 169 15.78 1.02 -23.26
C ASN C 169 17.17 0.46 -22.95
N GLY C 170 17.93 0.08 -23.98
CA GLY C 170 19.28 -0.41 -23.80
C GLY C 170 19.40 -1.91 -23.72
N ASN C 171 18.31 -2.66 -23.86
CA ASN C 171 18.36 -4.11 -23.78
C ASN C 171 18.73 -4.71 -25.13
N THR C 172 19.63 -5.70 -25.10
CA THR C 172 20.07 -6.38 -26.31
C THR C 172 19.13 -7.57 -26.55
N TYR C 173 18.13 -7.36 -27.39
CA TYR C 173 17.13 -8.39 -27.68
C TYR C 173 17.73 -9.41 -28.66
N LEU C 174 18.63 -10.23 -28.12
CA LEU C 174 19.30 -11.27 -28.90
C LEU C 174 19.26 -12.57 -28.12
N TYR C 175 18.82 -13.64 -28.78
CA TYR C 175 18.73 -14.96 -28.18
C TYR C 175 19.54 -15.95 -29.00
N TRP C 176 20.28 -16.81 -28.31
CA TRP C 176 21.07 -17.87 -28.91
C TRP C 176 20.53 -19.21 -28.46
N PHE C 177 20.27 -20.10 -29.41
CA PHE C 177 19.71 -21.42 -29.13
C PHE C 177 20.62 -22.48 -29.72
N LEU C 178 21.03 -23.44 -28.90
CA LEU C 178 21.92 -24.52 -29.31
C LEU C 178 21.12 -25.82 -29.40
N GLN C 179 20.97 -26.34 -30.62
CA GLN C 179 20.27 -27.59 -30.85
C GLN C 179 21.30 -28.68 -31.10
N ARG C 180 21.28 -29.71 -30.25
CA ARG C 180 22.20 -30.83 -30.33
C ARG C 180 21.54 -32.02 -31.03
N PRO C 181 22.33 -33.00 -31.47
CA PRO C 181 21.75 -34.16 -32.14
C PRO C 181 20.74 -34.88 -31.25
N GLY C 182 19.49 -34.89 -31.71
CA GLY C 182 18.41 -35.57 -31.00
C GLY C 182 17.71 -34.73 -29.96
N GLN C 183 18.29 -33.60 -29.55
CA GLN C 183 17.71 -32.72 -28.54
C GLN C 183 17.17 -31.46 -29.21
N SER C 184 16.41 -30.71 -28.42
CA SER C 184 15.83 -29.46 -28.88
C SER C 184 16.78 -28.30 -28.63
N PRO C 185 16.56 -27.16 -29.28
CA PRO C 185 17.45 -26.01 -29.06
C PRO C 185 17.50 -25.61 -27.59
N GLN C 186 18.71 -25.40 -27.09
CA GLN C 186 18.93 -25.04 -25.69
C GLN C 186 19.38 -23.58 -25.62
N LEU C 187 18.80 -22.84 -24.69
CA LEU C 187 19.10 -21.42 -24.56
C LEU C 187 20.51 -21.22 -24.01
N LEU C 188 21.32 -20.45 -24.72
CA LEU C 188 22.66 -20.08 -24.27
C LEU C 188 22.70 -18.66 -23.69
N ILE C 189 22.22 -17.68 -24.46
CA ILE C 189 22.17 -16.29 -24.01
C ILE C 189 20.83 -15.72 -24.42
N TYR C 190 20.25 -14.89 -23.54
CA TYR C 190 18.95 -14.27 -23.78
C TYR C 190 19.03 -12.76 -23.99
N ARG C 191 19.96 -12.07 -23.34
CA ARG C 191 20.12 -10.64 -23.51
C ARG C 191 21.57 -10.23 -23.28
N SER C 193 24.55 -10.91 -23.75
CA SER C 193 25.76 -11.29 -23.02
C SER C 193 25.39 -11.97 -21.69
N ASN C 194 24.19 -11.68 -21.20
CA ASN C 194 23.71 -12.28 -19.95
C ASN C 194 23.55 -13.78 -20.14
N LEU C 195 24.43 -14.56 -19.54
CA LEU C 195 24.39 -16.02 -19.70
C LEU C 195 23.06 -16.57 -19.20
N ALA C 196 22.64 -17.68 -19.81
CA ALA C 196 21.39 -18.32 -19.46
C ALA C 196 21.60 -19.33 -18.33
N SER C 197 20.49 -19.85 -17.81
CA SER C 197 20.54 -20.80 -16.72
C SER C 197 20.93 -22.18 -17.23
N GLY C 198 21.62 -22.94 -16.38
CA GLY C 198 22.04 -24.28 -16.71
C GLY C 198 23.11 -24.38 -17.77
N VAL C 199 23.62 -23.27 -18.27
CA VAL C 199 24.65 -23.24 -19.32
C VAL C 199 25.97 -22.89 -18.65
N PRO C 200 27.04 -23.66 -18.86
CA PRO C 200 28.33 -23.29 -18.28
C PRO C 200 28.79 -21.92 -18.76
N ASP C 201 29.76 -21.37 -18.03
CA ASP C 201 30.33 -20.06 -18.36
C ASP C 201 31.16 -20.08 -19.64
N ARG C 202 31.32 -21.25 -20.28
CA ARG C 202 32.12 -21.30 -21.50
C ARG C 202 31.53 -20.43 -22.60
N PHE C 203 30.21 -20.37 -22.69
CA PHE C 203 29.54 -19.55 -23.69
C PHE C 203 29.47 -18.10 -23.23
N SER C 204 29.79 -17.19 -24.13
CA SER C 204 29.70 -15.76 -23.86
C SER C 204 29.22 -15.04 -25.11
N GLY C 205 28.66 -13.85 -24.91
CA GLY C 205 28.16 -13.05 -26.01
C GLY C 205 28.74 -11.66 -25.98
N SER C 206 28.95 -11.10 -27.17
CA SER C 206 29.49 -9.76 -27.30
C SER C 206 29.01 -9.16 -28.62
N GLY C 207 29.35 -7.90 -28.83
CA GLY C 207 29.02 -7.19 -30.05
C GLY C 207 28.13 -6.00 -29.79
N SER C 208 27.77 -5.33 -30.89
CA SER C 208 26.92 -4.16 -30.85
C SER C 208 25.51 -4.55 -31.26
N GLY C 209 24.63 -3.54 -31.41
CA GLY C 209 23.26 -3.81 -31.79
C GLY C 209 23.08 -4.33 -33.20
N THR C 210 24.13 -4.22 -34.03
CA THR C 210 24.09 -4.69 -35.41
C THR C 210 24.77 -6.04 -35.58
N ALA C 211 26.05 -6.14 -35.20
CA ALA C 211 26.80 -7.38 -35.29
C ALA C 211 26.86 -8.02 -33.91
N PHE C 212 26.89 -9.35 -33.88
CA PHE C 212 26.91 -10.12 -32.64
C PHE C 212 27.91 -11.25 -32.77
N THR C 213 28.46 -11.67 -31.63
CA THR C 213 29.49 -12.70 -31.60
C THR C 213 29.25 -13.61 -30.40
N LEU C 214 29.19 -14.91 -30.66
CA LEU C 214 29.08 -15.94 -29.62
C LEU C 214 30.42 -16.64 -29.51
N THR C 215 31.04 -16.56 -28.33
CA THR C 215 32.39 -17.06 -28.09
C THR C 215 32.32 -18.26 -27.15
N ILE C 216 32.93 -19.36 -27.58
CA ILE C 216 33.14 -20.54 -26.75
C ILE C 216 34.62 -20.62 -26.45
N SER C 217 34.97 -20.51 -25.17
CA SER C 217 36.37 -20.46 -24.77
C SER C 217 37.04 -21.82 -24.86
N ARG C 218 36.34 -22.87 -24.42
CA ARG C 218 36.88 -24.22 -24.42
C ARG C 218 35.81 -25.17 -24.94
N LEU C 219 36.10 -25.86 -26.04
CA LEU C 219 35.12 -26.74 -26.66
C LEU C 219 35.06 -28.09 -25.94
N GLU C 220 33.89 -28.71 -26.00
CA GLU C 220 33.66 -30.03 -25.42
C GLU C 220 32.86 -30.87 -26.41
N ALA C 221 32.78 -32.16 -26.13
CA ALA C 221 32.04 -33.07 -27.01
C ALA C 221 30.54 -32.79 -26.99
N GLU C 222 30.05 -32.09 -25.98
CA GLU C 222 28.63 -31.77 -25.88
C GLU C 222 28.26 -30.46 -26.58
N ASP C 223 29.25 -29.72 -27.10
CA ASP C 223 28.98 -28.45 -27.75
C ASP C 223 28.63 -28.61 -29.23
N VAL C 224 28.93 -29.75 -29.83
CA VAL C 224 28.62 -29.95 -31.25
C VAL C 224 27.12 -29.80 -31.46
N GLY C 225 26.75 -29.03 -32.47
CA GLY C 225 25.35 -28.79 -32.75
C GLY C 225 25.20 -27.53 -33.59
N VAL C 226 23.94 -27.12 -33.73
CA VAL C 226 23.58 -25.96 -34.55
C VAL C 226 23.20 -24.81 -33.63
N TYR C 227 23.84 -23.67 -33.84
CA TYR C 227 23.57 -22.46 -33.07
C TYR C 227 22.72 -21.52 -33.92
N TYR C 228 21.55 -21.17 -33.41
CA TYR C 228 20.61 -20.28 -34.09
C TYR C 228 20.49 -18.97 -33.33
N CYS C 229 20.42 -17.87 -34.08
CA CYS C 229 20.24 -16.54 -33.51
C CYS C 229 18.79 -16.08 -33.75
N MET C 230 18.28 -15.31 -32.79
CA MET C 230 16.92 -14.80 -32.86
C MET C 230 16.87 -13.39 -32.31
N GLN C 231 16.06 -12.55 -32.93
CA GLN C 231 15.82 -11.19 -32.50
C GLN C 231 14.44 -11.09 -31.85
N HIS C 232 14.32 -10.26 -30.82
CA HIS C 232 13.07 -10.10 -30.10
C HIS C 232 12.65 -8.64 -29.99
N LEU C 233 13.19 -7.76 -30.83
CA LEU C 233 12.79 -6.36 -30.80
C LEU C 233 11.33 -6.20 -31.19
N GLU C 234 10.93 -6.81 -32.30
CA GLU C 234 9.53 -6.82 -32.73
C GLU C 234 8.94 -8.20 -32.52
N TYR C 235 7.66 -8.24 -32.17
CA TYR C 235 6.99 -9.52 -31.93
C TYR C 235 7.16 -10.51 -33.07
N PRO C 236 6.94 -10.15 -34.34
CA PRO C 236 7.22 -11.11 -35.42
C PRO C 236 8.71 -11.46 -35.50
N LEU C 237 9.03 -12.70 -35.17
CA LEU C 237 10.41 -13.14 -35.04
C LEU C 237 10.89 -13.78 -36.34
N THR C 238 12.21 -13.99 -36.42
CA THR C 238 12.82 -14.62 -37.59
C THR C 238 14.18 -15.16 -37.17
N PHE C 239 14.34 -16.48 -37.24
CA PHE C 239 15.59 -17.11 -36.87
C PHE C 239 16.58 -17.07 -38.04
N GLY C 240 17.87 -17.18 -37.70
CA GLY C 240 18.91 -17.16 -38.70
C GLY C 240 19.11 -18.52 -39.35
N ALA C 241 20.12 -18.57 -40.22
CA ALA C 241 20.42 -19.81 -40.93
C ALA C 241 20.99 -20.87 -39.99
N GLY C 242 21.79 -20.46 -39.01
CA GLY C 242 22.35 -21.39 -38.05
C GLY C 242 23.75 -21.83 -38.40
N THR C 243 24.66 -21.78 -37.42
CA THR C 243 26.05 -22.19 -37.61
C THR C 243 26.27 -23.55 -36.96
N LYS C 244 26.90 -24.46 -37.70
CA LYS C 244 27.09 -25.83 -37.24
C LYS C 244 28.51 -26.03 -36.73
N LEU C 245 28.63 -26.71 -35.59
CA LEU C 245 29.91 -27.07 -35.00
C LEU C 245 29.95 -28.58 -34.86
N GLU C 246 30.97 -29.21 -35.47
CA GLU C 246 31.14 -30.65 -35.47
C GLU C 246 32.48 -31.01 -34.84
N LEU C 247 32.67 -32.31 -34.61
CA LEU C 247 33.91 -32.82 -34.02
C LEU C 247 35.10 -32.48 -34.90
N THR D 6 20.65 -18.03 40.67
CA THR D 6 21.63 -16.90 40.55
C THR D 6 21.24 -15.93 39.45
N ALA D 7 19.96 -15.98 39.04
CA ALA D 7 19.49 -15.15 37.94
C ALA D 7 19.91 -13.70 38.13
N SER D 8 19.64 -13.13 39.30
CA SER D 8 19.97 -11.74 39.56
C SER D 8 21.47 -11.50 39.38
N ILE D 9 22.29 -12.18 40.18
CA ILE D 9 23.73 -11.99 40.09
C ILE D 9 24.24 -12.48 38.73
N ALA D 10 23.54 -13.43 38.11
CA ALA D 10 23.95 -13.92 36.80
C ALA D 10 23.90 -12.81 35.76
N GLN D 11 22.72 -12.18 35.61
CA GLN D 11 22.61 -11.08 34.67
C GLN D 11 23.46 -9.89 35.11
N ALA D 12 23.65 -9.71 36.42
CA ALA D 12 24.54 -8.65 36.88
C ALA D 12 25.95 -8.84 36.34
N ARG D 13 26.52 -10.04 36.55
CA ARG D 13 27.88 -10.30 36.06
C ARG D 13 27.93 -10.30 34.54
N LYS D 14 26.87 -10.73 33.87
CA LYS D 14 26.84 -10.67 32.41
C LYS D 14 26.95 -9.23 31.92
N LEU D 15 26.11 -8.34 32.45
CA LEU D 15 26.18 -6.94 32.05
C LEU D 15 27.50 -6.31 32.49
N VAL D 16 28.07 -6.77 33.61
CA VAL D 16 29.37 -6.26 34.05
C VAL D 16 30.45 -6.60 33.04
N GLU D 17 30.51 -7.87 32.62
CA GLU D 17 31.49 -8.27 31.62
C GLU D 17 31.24 -7.56 30.29
N GLN D 18 29.97 -7.31 29.97
CA GLN D 18 29.66 -6.60 28.73
C GLN D 18 30.19 -5.17 28.78
N LEU D 19 29.91 -4.46 29.87
CA LEU D 19 30.43 -3.10 30.02
C LEU D 19 31.95 -3.11 30.01
N LYS D 20 32.57 -4.14 30.60
CA LYS D 20 34.03 -4.22 30.62
C LYS D 20 34.58 -4.36 29.20
N MET D 21 34.09 -5.35 28.45
CA MET D 21 34.57 -5.57 27.10
C MET D 21 34.22 -4.41 26.18
N GLU D 22 33.21 -3.61 26.51
CA GLU D 22 32.91 -2.43 25.73
C GLU D 22 33.88 -1.29 26.06
N ALA D 23 34.21 -1.12 27.34
CA ALA D 23 35.15 -0.08 27.73
C ALA D 23 36.54 -0.32 27.16
N ASN D 24 36.92 -1.59 26.98
CA ASN D 24 38.23 -1.91 26.42
C ASN D 24 38.35 -1.52 24.95
N ILE D 25 37.24 -1.26 24.27
CA ILE D 25 37.30 -0.85 22.87
C ILE D 25 37.84 0.58 22.78
N ASP D 26 38.67 0.82 21.77
CA ASP D 26 39.26 2.13 21.59
C ASP D 26 38.20 3.15 21.18
N ARG D 27 38.42 4.40 21.60
CA ARG D 27 37.50 5.50 21.30
C ARG D 27 38.32 6.73 20.95
N ILE D 28 38.30 7.11 19.68
CA ILE D 28 39.02 8.29 19.22
C ILE D 28 38.15 9.52 19.44
N LYS D 29 38.77 10.69 19.40
CA LYS D 29 38.05 11.94 19.59
C LYS D 29 37.02 12.14 18.49
N VAL D 30 36.11 13.09 18.73
CA VAL D 30 35.06 13.38 17.77
C VAL D 30 35.57 14.18 16.58
N SER D 31 36.66 14.93 16.73
CA SER D 31 37.16 15.76 15.65
C SER D 31 37.59 14.90 14.45
N LYS D 32 38.38 13.85 14.72
CA LYS D 32 38.85 13.01 13.63
C LYS D 32 37.69 12.29 12.96
N ALA D 33 36.72 11.81 13.74
CA ALA D 33 35.57 11.13 13.16
C ALA D 33 34.77 12.08 12.27
N ALA D 34 34.54 13.30 12.75
CA ALA D 34 33.79 14.27 11.94
C ALA D 34 34.55 14.62 10.67
N ALA D 35 35.88 14.79 10.76
CA ALA D 35 36.66 15.08 9.58
C ALA D 35 36.59 13.94 8.57
N ASP D 36 36.69 12.70 9.05
CA ASP D 36 36.61 11.56 8.14
C ASP D 36 35.25 11.47 7.49
N LEU D 37 34.18 11.72 8.25
CA LEU D 37 32.84 11.71 7.68
C LEU D 37 32.69 12.78 6.61
N MET D 38 33.17 13.99 6.90
CA MET D 38 33.06 15.07 5.92
C MET D 38 33.86 14.76 4.67
N ALA D 39 35.05 14.17 4.83
CA ALA D 39 35.87 13.81 3.68
C ALA D 39 35.18 12.74 2.83
N TYR D 40 34.65 11.71 3.47
CA TYR D 40 33.95 10.66 2.72
C TYR D 40 32.72 11.23 2.01
N CYS D 41 32.03 12.16 2.64
CA CYS D 41 30.88 12.78 2.01
C CYS D 41 31.29 13.60 0.79
N GLU D 42 32.34 14.42 0.93
CA GLU D 42 32.81 15.22 -0.20
C GLU D 42 33.42 14.37 -1.30
N ALA D 43 33.83 13.13 -0.98
CA ALA D 43 34.44 12.28 -2.00
C ALA D 43 33.40 11.77 -2.99
N HIS D 44 32.23 11.39 -2.51
CA HIS D 44 31.16 10.84 -3.35
C HIS D 44 30.08 11.88 -3.66
N ALA D 45 30.42 13.16 -3.58
CA ALA D 45 29.42 14.21 -3.82
C ALA D 45 28.85 14.11 -5.23
N LYS D 46 29.71 13.89 -6.22
CA LYS D 46 29.24 13.83 -7.61
C LYS D 46 28.48 12.54 -7.90
N GLU D 47 28.75 11.48 -7.14
CA GLU D 47 28.10 10.19 -7.34
C GLU D 47 26.81 10.05 -6.53
N ASP D 48 26.18 11.17 -6.15
CA ASP D 48 24.94 11.17 -5.38
C ASP D 48 23.90 12.00 -6.15
N PRO D 49 23.12 11.37 -7.03
CA PRO D 49 22.09 12.14 -7.75
C PRO D 49 21.14 12.90 -6.84
N LEU D 50 20.92 12.41 -5.62
CA LEU D 50 20.05 13.12 -4.69
C LEU D 50 20.69 14.43 -4.24
N LEU D 51 22.01 14.42 -4.01
CA LEU D 51 22.70 15.64 -3.60
C LEU D 51 22.98 16.54 -4.81
N THR D 52 23.54 15.98 -5.87
CA THR D 52 23.85 16.73 -7.08
C THR D 52 22.84 16.39 -8.16
N PRO D 53 21.88 17.26 -8.48
CA PRO D 53 20.90 16.94 -9.52
C PRO D 53 21.58 16.62 -10.84
N VAL D 54 21.42 15.37 -11.29
CA VAL D 54 22.00 14.91 -12.54
C VAL D 54 21.08 15.32 -13.69
N PRO D 55 21.60 15.46 -14.91
CA PRO D 55 20.72 15.84 -16.03
C PRO D 55 19.69 14.77 -16.31
N ALA D 56 18.65 15.17 -17.07
CA ALA D 56 17.57 14.25 -17.40
C ALA D 56 18.05 13.09 -18.26
N SER D 57 19.24 13.20 -18.86
CA SER D 57 19.74 12.13 -19.72
C SER D 57 20.26 10.95 -18.92
N GLU D 58 20.60 11.14 -17.65
CA GLU D 58 21.12 10.09 -16.79
C GLU D 58 20.04 9.41 -15.96
N ASN D 59 18.83 9.96 -15.92
CA ASN D 59 17.73 9.38 -15.16
C ASN D 59 16.90 8.45 -16.03
N VAL E 26 -31.27 49.67 -5.99
CA VAL E 26 -29.95 49.07 -6.10
C VAL E 26 -29.70 48.10 -4.94
N VAL E 27 -30.55 48.17 -3.92
CA VAL E 27 -30.41 47.28 -2.78
C VAL E 27 -30.46 45.82 -3.22
N THR E 28 -31.24 45.53 -4.27
CA THR E 28 -31.30 44.16 -4.78
C THR E 28 -29.94 43.72 -5.30
N ILE E 29 -29.25 44.61 -6.02
CA ILE E 29 -27.92 44.29 -6.52
C ILE E 29 -26.98 44.00 -5.36
N LEU E 30 -27.05 44.80 -4.30
CA LEU E 30 -26.18 44.58 -3.15
C LEU E 30 -26.48 43.25 -2.48
N LEU E 31 -27.76 42.92 -2.32
CA LEU E 31 -28.12 41.65 -1.71
C LEU E 31 -27.60 40.48 -2.54
N VAL E 32 -27.83 40.52 -3.86
CA VAL E 32 -27.35 39.45 -4.72
C VAL E 32 -25.83 39.36 -4.64
N LEU E 33 -25.15 40.50 -4.61
CA LEU E 33 -23.69 40.49 -4.57
C LEU E 33 -23.17 39.86 -3.29
N ILE E 34 -23.76 40.24 -2.15
CA ILE E 34 -23.29 39.70 -0.87
C ILE E 34 -23.58 38.22 -0.78
N ILE E 35 -24.74 37.78 -1.27
CA ILE E 35 -25.06 36.36 -1.23
C ILE E 35 -24.09 35.57 -2.12
N CYS E 36 -23.80 36.10 -3.32
CA CYS E 36 -22.86 35.45 -4.21
C CYS E 36 -21.47 35.38 -3.58
N GLY E 37 -21.06 36.45 -2.90
CA GLY E 37 -19.76 36.44 -2.24
C GLY E 37 -19.69 35.41 -1.13
N LEU E 38 -20.75 35.33 -0.32
CA LEU E 38 -20.79 34.29 0.72
C LEU E 38 -20.70 32.90 0.12
N GLY E 39 -21.49 32.65 -0.93
CA GLY E 39 -21.41 31.34 -1.58
C GLY E 39 -20.04 31.05 -2.15
N ILE E 40 -19.41 32.05 -2.77
CA ILE E 40 -18.12 31.85 -3.39
C ILE E 40 -17.06 31.54 -2.34
N VAL E 41 -17.05 32.31 -1.25
CA VAL E 41 -16.06 32.07 -0.20
C VAL E 41 -16.28 30.70 0.44
N GLY E 42 -17.55 30.33 0.66
CA GLY E 42 -17.82 29.00 1.21
C GLY E 42 -17.32 27.90 0.31
N ASN E 43 -17.62 27.99 -0.98
CA ASN E 43 -17.21 26.95 -1.92
C ASN E 43 -15.68 26.89 -2.02
N ILE E 44 -15.01 28.04 -2.06
CA ILE E 44 -13.56 28.05 -2.17
C ILE E 44 -12.92 27.46 -0.93
N MET E 45 -13.47 27.77 0.25
CA MET E 45 -12.93 27.19 1.48
C MET E 45 -13.15 25.68 1.51
N VAL E 46 -14.32 25.22 1.05
CA VAL E 46 -14.56 23.78 1.02
C VAL E 46 -13.59 23.10 0.06
N VAL E 47 -13.34 23.72 -1.09
CA VAL E 47 -12.42 23.14 -2.07
C VAL E 47 -11.01 23.07 -1.50
N LEU E 48 -10.56 24.16 -0.86
CA LEU E 48 -9.24 24.15 -0.26
C LEU E 48 -9.15 23.17 0.91
N VAL E 49 -10.28 22.90 1.56
CA VAL E 49 -10.28 21.96 2.69
C VAL E 49 -10.18 20.52 2.19
N VAL E 50 -10.89 20.19 1.11
CA VAL E 50 -10.94 18.81 0.66
C VAL E 50 -9.83 18.45 -0.32
N MET E 51 -9.27 19.42 -1.05
CA MET E 51 -8.24 19.14 -2.04
C MET E 51 -6.84 19.23 -1.42
N ARG E 52 -6.50 20.37 -0.84
CA ARG E 52 -5.19 20.55 -0.24
C ARG E 52 -4.99 19.74 1.04
N THR E 53 -5.99 18.99 1.48
CA THR E 53 -5.86 18.14 2.66
C THR E 53 -5.47 16.73 2.26
N LYS E 54 -4.80 16.03 3.17
CA LYS E 54 -4.28 14.70 2.90
C LYS E 54 -5.29 13.59 3.22
N HIS E 55 -6.00 13.71 4.33
CA HIS E 55 -6.87 12.63 4.81
C HIS E 55 -8.32 12.84 4.39
N MET E 56 -8.55 13.41 3.21
CA MET E 56 -9.89 13.62 2.67
C MET E 56 -10.17 12.74 1.46
N ARG E 57 -9.57 11.54 1.43
CA ARG E 57 -9.77 10.61 0.32
C ARG E 57 -10.85 9.59 0.68
N THR E 58 -12.06 10.10 0.85
CA THR E 58 -13.22 9.29 1.19
C THR E 58 -14.35 9.60 0.21
N PRO E 59 -15.30 8.68 0.04
CA PRO E 59 -16.41 8.94 -0.89
C PRO E 59 -17.23 10.17 -0.53
N THR E 60 -17.51 10.36 0.76
CA THR E 60 -18.26 11.55 1.18
C THR E 60 -17.55 12.82 0.76
N ASN E 61 -16.23 12.89 0.95
CA ASN E 61 -15.48 14.07 0.55
C ASN E 61 -15.52 14.27 -0.96
N CYS E 62 -15.51 13.18 -1.72
CA CYS E 62 -15.61 13.30 -3.18
C CYS E 62 -16.97 13.88 -3.58
N TYR E 63 -18.05 13.39 -2.96
CA TYR E 63 -19.37 13.94 -3.25
C TYR E 63 -19.45 15.40 -2.84
N LEU E 64 -18.81 15.76 -1.73
CA LEU E 64 -18.80 17.16 -1.30
C LEU E 64 -18.06 18.04 -2.30
N VAL E 65 -16.91 17.57 -2.80
CA VAL E 65 -16.18 18.33 -3.80
C VAL E 65 -17.01 18.48 -5.06
N SER E 66 -17.71 17.42 -5.46
CA SER E 66 -18.57 17.51 -6.64
C SER E 66 -19.66 18.56 -6.44
N LEU E 67 -20.37 18.49 -5.32
CA LEU E 67 -21.43 19.45 -5.04
C LEU E 67 -20.89 20.87 -4.98
N ALA E 68 -19.68 21.04 -4.44
CA ALA E 68 -19.09 22.37 -4.30
C ALA E 68 -18.72 22.94 -5.67
N VAL E 69 -18.01 22.16 -6.48
CA VAL E 69 -17.63 22.65 -7.81
C VAL E 69 -18.86 22.78 -8.71
N ALA E 70 -19.98 22.15 -8.35
CA ALA E 70 -21.21 22.35 -9.10
C ALA E 70 -21.90 23.65 -8.70
N ASP E 71 -22.16 23.82 -7.40
CA ASP E 71 -22.90 25.01 -6.96
C ASP E 71 -22.09 26.28 -7.08
N LEU E 72 -20.74 26.20 -7.04
CA LEU E 72 -19.94 27.39 -7.27
C LEU E 72 -20.01 27.83 -8.73
N MET E 73 -19.86 26.88 -9.65
CA MET E 73 -20.03 27.20 -11.07
C MET E 73 -21.44 27.69 -11.36
N VAL E 74 -22.43 27.20 -10.59
CA VAL E 74 -23.79 27.68 -10.75
C VAL E 74 -24.01 29.04 -10.10
N LEU E 75 -23.14 29.43 -9.17
CA LEU E 75 -23.25 30.73 -8.50
C LEU E 75 -22.51 31.82 -9.27
N VAL E 76 -21.24 31.60 -9.60
CA VAL E 76 -20.47 32.61 -10.31
C VAL E 76 -21.03 32.80 -11.72
N ALA E 77 -21.54 31.73 -12.33
CA ALA E 77 -22.13 31.84 -13.66
C ALA E 77 -23.57 32.36 -13.63
N ALA E 78 -24.22 32.36 -12.47
CA ALA E 78 -25.56 32.89 -12.33
C ALA E 78 -25.63 34.18 -11.52
N GLY E 79 -24.54 34.56 -10.86
CA GLY E 79 -24.53 35.77 -10.06
C GLY E 79 -24.06 36.98 -10.84
N LEU E 80 -22.92 36.86 -11.51
CA LEU E 80 -22.38 38.00 -12.25
C LEU E 80 -23.26 38.41 -13.43
N PRO E 81 -23.83 37.50 -14.21
CA PRO E 81 -24.74 37.95 -15.28
C PRO E 81 -25.96 38.68 -14.76
N ASN E 82 -26.56 38.20 -13.67
CA ASN E 82 -27.71 38.89 -13.09
C ASN E 82 -27.31 40.25 -12.53
N ILE E 83 -26.14 40.32 -11.88
CA ILE E 83 -25.66 41.61 -11.37
C ILE E 83 -25.47 42.59 -12.53
N THR E 84 -24.89 42.14 -13.63
CA THR E 84 -24.67 43.02 -14.76
C THR E 84 -26.00 43.44 -15.39
N ASP E 85 -26.96 42.52 -15.48
CA ASP E 85 -28.26 42.86 -16.05
C ASP E 85 -28.99 43.86 -15.18
N SER E 86 -28.82 43.76 -13.86
CA SER E 86 -29.49 44.71 -12.96
C SER E 86 -28.79 46.05 -12.93
N ILE E 87 -27.47 46.09 -13.11
CA ILE E 87 -26.74 47.34 -13.08
C ILE E 87 -26.87 48.09 -14.40
N TYR E 88 -26.41 47.46 -15.49
CA TYR E 88 -26.44 48.11 -16.80
C TYR E 88 -27.80 48.07 -17.45
N GLY E 89 -28.67 47.14 -17.07
CA GLY E 89 -29.98 47.04 -17.65
C GLY E 89 -30.02 46.36 -19.01
N SER E 90 -28.97 45.65 -19.39
CA SER E 90 -28.93 44.98 -20.68
C SER E 90 -27.96 43.81 -20.59
N TRP E 91 -27.95 42.99 -21.65
CA TRP E 91 -27.09 41.83 -21.74
C TRP E 91 -25.91 42.18 -22.64
N VAL E 92 -24.73 42.38 -22.02
CA VAL E 92 -23.56 42.82 -22.77
C VAL E 92 -22.66 41.67 -23.21
N TYR E 93 -22.88 40.45 -22.71
CA TYR E 93 -22.00 39.34 -23.03
C TYR E 93 -22.11 38.89 -24.49
N GLY E 94 -23.03 39.45 -25.27
CA GLY E 94 -23.18 39.05 -26.66
C GLY E 94 -23.86 37.70 -26.78
N TYR E 95 -23.98 37.25 -28.04
CA TYR E 95 -24.69 36.01 -28.31
C TYR E 95 -23.93 34.81 -27.76
N VAL E 96 -22.66 34.64 -28.16
CA VAL E 96 -21.89 33.50 -27.69
C VAL E 96 -21.72 33.55 -26.19
N GLY E 97 -21.48 34.75 -25.64
CA GLY E 97 -21.30 34.88 -24.21
C GLY E 97 -22.54 34.51 -23.43
N CYS E 98 -23.70 34.99 -23.88
CA CYS E 98 -24.95 34.66 -23.22
C CYS E 98 -25.22 33.16 -23.29
N LEU E 99 -25.01 32.56 -24.47
CA LEU E 99 -25.18 31.12 -24.60
C LEU E 99 -24.29 30.37 -23.62
N CYS E 100 -23.02 30.74 -23.56
CA CYS E 100 -22.07 30.05 -22.69
C CYS E 100 -22.48 30.17 -21.23
N ILE E 101 -22.79 31.39 -20.78
CA ILE E 101 -23.08 31.59 -19.37
C ILE E 101 -24.40 30.91 -19.00
N THR E 102 -25.38 30.93 -19.90
CA THR E 102 -26.64 30.25 -19.61
C THR E 102 -26.45 28.74 -19.54
N TYR E 103 -25.65 28.18 -20.44
CA TYR E 103 -25.33 26.75 -20.37
C TYR E 103 -24.63 26.42 -19.06
N LEU E 104 -23.68 27.26 -18.64
CA LEU E 104 -22.99 27.02 -17.37
C LEU E 104 -23.96 27.08 -16.20
N GLN E 105 -24.88 28.05 -16.22
CA GLN E 105 -25.86 28.17 -15.15
C GLN E 105 -26.73 26.92 -15.06
N TYR E 106 -27.27 26.48 -16.20
CA TYR E 106 -28.12 25.29 -16.19
C TYR E 106 -27.33 24.06 -15.75
N LEU E 107 -26.11 23.92 -16.25
CA LEU E 107 -25.28 22.77 -15.88
C LEU E 107 -25.03 22.74 -14.38
N GLY E 108 -24.69 23.89 -13.80
CA GLY E 108 -24.45 23.95 -12.37
C GLY E 108 -25.70 23.67 -11.56
N ILE E 109 -26.84 24.24 -11.99
CA ILE E 109 -28.08 24.06 -11.25
C ILE E 109 -28.49 22.59 -11.26
N ASN E 110 -28.25 21.90 -12.37
CA ASN E 110 -28.61 20.48 -12.45
C ASN E 110 -27.61 19.61 -11.70
N ALA E 111 -26.31 19.94 -11.80
CA ALA E 111 -25.30 19.16 -11.10
C ALA E 111 -25.44 19.31 -9.59
N SER E 112 -25.90 20.46 -9.10
CA SER E 112 -26.13 20.61 -7.67
C SER E 112 -27.16 19.59 -7.19
N SER E 113 -28.29 19.49 -7.90
CA SER E 113 -29.32 18.53 -7.50
C SER E 113 -28.83 17.09 -7.66
N CYS E 114 -28.07 16.81 -8.72
CA CYS E 114 -27.56 15.46 -8.91
C CYS E 114 -26.61 15.07 -7.79
N SER E 115 -25.72 15.98 -7.40
CA SER E 115 -24.80 15.70 -6.30
C SER E 115 -25.54 15.57 -4.98
N ILE E 116 -26.58 16.38 -4.78
CA ILE E 116 -27.39 16.24 -3.56
C ILE E 116 -28.02 14.86 -3.51
N THR E 117 -28.54 14.39 -4.65
CA THR E 117 -29.15 13.06 -4.70
C THR E 117 -28.11 11.99 -4.39
N ALA E 118 -26.94 12.07 -5.03
CA ALA E 118 -25.89 11.09 -4.78
C ALA E 118 -25.47 11.09 -3.32
N PHE E 119 -25.35 12.27 -2.72
CA PHE E 119 -24.91 12.36 -1.33
C PHE E 119 -25.97 11.83 -0.38
N THR E 120 -27.24 12.06 -0.69
CA THR E 120 -28.31 11.50 0.13
C THR E 120 -28.31 9.97 0.04
N ILE E 121 -28.14 9.42 -1.16
CA ILE E 121 -28.07 7.98 -1.32
C ILE E 121 -26.88 7.43 -0.53
N GLU E 122 -25.75 8.13 -0.59
CA GLU E 122 -24.57 7.70 0.15
C GLU E 122 -24.82 7.71 1.65
N ARG E 123 -25.43 8.78 2.15
CA ARG E 123 -25.77 8.85 3.57
C ARG E 123 -26.68 7.71 3.98
N TYR E 124 -27.70 7.42 3.16
CA TYR E 124 -28.60 6.31 3.47
C TYR E 124 -27.83 4.99 3.52
N ILE E 125 -27.02 4.71 2.50
CA ILE E 125 -26.28 3.45 2.48
C ILE E 125 -25.35 3.35 3.67
N ALA E 126 -24.80 4.48 4.13
CA ALA E 126 -23.85 4.43 5.23
C ALA E 126 -24.54 4.31 6.58
N ILE E 127 -25.75 4.86 6.73
CA ILE E 127 -26.46 4.85 8.00
C ILE E 127 -27.28 3.57 8.12
N CYS E 128 -28.16 3.32 7.15
CA CYS E 128 -29.05 2.17 7.21
C CYS E 128 -28.38 0.88 6.77
N HIS E 129 -27.21 0.94 6.14
CA HIS E 129 -26.49 -0.24 5.67
C HIS E 129 -25.00 -0.08 5.93
N PRO E 130 -24.61 0.03 7.20
CA PRO E 130 -23.19 0.25 7.49
C PRO E 130 -22.29 -0.91 7.06
N ILE E 131 -22.73 -2.15 7.27
CA ILE E 131 -21.91 -3.30 6.89
C ILE E 131 -21.68 -3.30 5.39
N LYS E 132 -22.75 -3.16 4.60
CA LYS E 132 -22.61 -3.14 3.16
C LYS E 132 -21.93 -1.86 2.67
N ALA E 133 -22.05 -0.77 3.44
CA ALA E 133 -21.42 0.48 3.03
C ALA E 133 -19.91 0.41 3.17
N GLN E 134 -19.43 -0.17 4.27
CA GLN E 134 -17.98 -0.29 4.48
C GLN E 134 -17.32 -1.11 3.38
N PHE E 135 -18.09 -1.91 2.64
CA PHE E 135 -17.56 -2.74 1.57
C PHE E 135 -17.78 -2.14 0.19
N LEU E 136 -18.96 -1.60 -0.09
CA LEU E 136 -19.28 -1.07 -1.41
C LEU E 136 -18.83 0.38 -1.57
N CYS E 137 -19.23 1.24 -0.64
CA CYS E 137 -18.90 2.66 -0.74
C CYS E 137 -17.40 2.86 -0.59
N THR E 138 -16.76 3.36 -1.65
CA THR E 138 -15.34 3.65 -1.64
C THR E 138 -15.06 4.89 -2.47
N PHE E 139 -13.84 5.42 -2.35
CA PHE E 139 -13.49 6.63 -3.06
C PHE E 139 -13.49 6.42 -4.57
N SER E 140 -13.05 5.23 -5.01
CA SER E 140 -13.05 4.94 -6.44
C SER E 140 -14.48 4.92 -6.99
N ARG E 141 -15.39 4.24 -6.28
CA ARG E 141 -16.78 4.23 -6.70
C ARG E 141 -17.39 5.62 -6.63
N ALA E 142 -16.95 6.44 -5.67
CA ALA E 142 -17.44 7.81 -5.59
C ALA E 142 -17.01 8.61 -6.82
N LYS E 143 -15.74 8.47 -7.22
CA LYS E 143 -15.30 9.13 -8.45
C LYS E 143 -16.09 8.62 -9.64
N LYS E 144 -16.29 7.31 -9.74
CA LYS E 144 -17.10 6.76 -10.83
C LYS E 144 -18.47 7.42 -10.88
N ILE E 145 -19.16 7.47 -9.73
CA ILE E 145 -20.53 7.96 -9.70
C ILE E 145 -20.58 9.44 -10.01
N ILE E 146 -19.67 10.24 -9.44
CA ILE E 146 -19.71 11.68 -9.68
C ILE E 146 -19.38 11.98 -11.13
N ILE E 147 -18.41 11.27 -11.72
CA ILE E 147 -18.10 11.49 -13.12
C ILE E 147 -19.29 11.10 -14.00
N PHE E 148 -19.95 9.99 -13.68
CA PHE E 148 -21.10 9.56 -14.47
C PHE E 148 -22.22 10.59 -14.40
N VAL E 149 -22.55 11.06 -13.20
CA VAL E 149 -23.65 12.01 -13.08
C VAL E 149 -23.29 13.33 -13.74
N TRP E 150 -22.02 13.75 -13.65
CA TRP E 150 -21.61 14.97 -14.31
C TRP E 150 -21.71 14.85 -15.83
N ALA E 151 -21.30 13.70 -16.38
CA ALA E 151 -21.41 13.49 -17.82
C ALA E 151 -22.88 13.49 -18.26
N PHE E 152 -23.72 12.81 -17.49
CA PHE E 152 -25.16 12.79 -17.84
C PHE E 152 -25.75 14.19 -17.76
N THR E 153 -25.37 14.97 -16.74
CA THR E 153 -25.89 16.32 -16.62
C THR E 153 -25.42 17.19 -17.78
N SER E 154 -24.15 17.06 -18.18
CA SER E 154 -23.65 17.82 -19.32
C SER E 154 -24.39 17.44 -20.60
N LEU E 155 -24.61 16.15 -20.83
CA LEU E 155 -25.33 15.72 -22.02
C LEU E 155 -26.78 16.19 -22.00
N TYR E 156 -27.39 16.28 -20.81
CA TYR E 156 -28.76 16.76 -20.72
C TYR E 156 -28.83 18.27 -20.94
N CYS E 157 -27.80 19.00 -20.49
CA CYS E 157 -27.79 20.45 -20.64
C CYS E 157 -27.36 20.89 -22.03
N MET E 158 -26.67 20.03 -22.79
CA MET E 158 -26.28 20.37 -24.15
C MET E 158 -27.48 20.78 -25.00
N LEU E 159 -28.68 20.35 -24.64
CA LEU E 159 -29.86 20.74 -25.41
C LEU E 159 -30.05 22.26 -25.41
N TRP E 160 -29.61 22.95 -24.35
CA TRP E 160 -29.77 24.38 -24.29
C TRP E 160 -28.91 25.12 -25.31
N PHE E 161 -27.85 24.48 -25.81
CA PHE E 161 -27.03 25.13 -26.84
C PHE E 161 -27.81 25.31 -28.14
N PHE E 162 -28.79 24.44 -28.40
CA PHE E 162 -29.54 24.49 -29.65
C PHE E 162 -30.91 25.14 -29.49
N LEU E 163 -31.44 25.24 -28.28
CA LEU E 163 -32.75 25.81 -28.01
C LEU E 163 -32.63 27.06 -27.15
N LEU E 164 -31.66 27.91 -27.44
CA LEU E 164 -31.44 29.14 -26.69
C LEU E 164 -30.97 30.23 -27.64
N ASP E 165 -31.37 31.47 -27.34
CA ASP E 165 -31.00 32.62 -28.15
C ASP E 165 -31.40 33.88 -27.38
N LEU E 166 -30.79 35.00 -27.77
CA LEU E 166 -31.12 36.28 -27.15
C LEU E 166 -32.54 36.71 -27.51
N ASN E 167 -33.23 37.29 -26.54
CA ASN E 167 -34.60 37.75 -26.75
C ASN E 167 -35.50 36.61 -27.21
N ILE E 177 -31.83 44.13 -25.19
CA ILE E 177 -31.36 42.80 -25.53
C ILE E 177 -31.13 42.00 -24.24
N SER E 178 -32.00 41.02 -24.00
CA SER E 178 -31.91 40.17 -22.82
C SER E 178 -31.92 38.71 -23.24
N CYS E 179 -31.26 37.87 -22.45
CA CYS E 179 -31.20 36.44 -22.74
C CYS E 179 -32.59 35.84 -22.62
N GLY E 180 -33.06 35.23 -23.71
CA GLY E 180 -34.37 34.62 -23.73
C GLY E 180 -34.38 33.28 -24.45
N TYR E 181 -35.49 32.96 -25.11
CA TYR E 181 -35.65 31.71 -25.83
C TYR E 181 -36.05 31.99 -27.27
N LYS E 182 -35.43 31.25 -28.19
CA LYS E 182 -35.74 31.45 -29.61
C LYS E 182 -37.13 30.94 -29.95
N ILE E 183 -37.55 29.83 -29.36
CA ILE E 183 -38.88 29.28 -29.56
C ILE E 183 -39.76 29.72 -28.41
N SER E 184 -41.07 29.72 -28.64
CA SER E 184 -42.01 30.10 -27.60
C SER E 184 -41.84 29.26 -26.36
N ARG E 185 -42.22 29.83 -25.21
CA ARG E 185 -42.05 29.12 -23.95
C ARG E 185 -42.85 27.82 -23.92
N ASN E 186 -43.95 27.76 -24.66
CA ASN E 186 -44.77 26.55 -24.68
C ASN E 186 -43.95 25.35 -25.14
N TYR E 187 -43.20 25.51 -26.22
CA TYR E 187 -42.40 24.40 -26.76
C TYR E 187 -41.37 23.91 -25.75
N TYR E 188 -41.02 24.71 -24.74
CA TYR E 188 -40.07 24.32 -23.73
C TYR E 188 -40.71 23.59 -22.55
N SER E 189 -42.01 23.29 -22.64
CA SER E 189 -42.68 22.60 -21.54
C SER E 189 -42.14 21.20 -21.31
N PRO E 190 -41.74 20.43 -22.33
CA PRO E 190 -41.21 19.08 -22.04
C PRO E 190 -39.89 19.13 -21.30
N ILE E 191 -39.04 20.11 -21.59
CA ILE E 191 -37.72 20.17 -20.94
C ILE E 191 -37.87 20.61 -19.49
N TYR E 192 -38.45 21.79 -19.26
CA TYR E 192 -38.61 22.29 -17.90
C TYR E 192 -39.35 21.30 -17.03
N LEU E 193 -40.36 20.62 -17.59
CA LEU E 193 -41.08 19.60 -16.83
C LEU E 193 -40.11 18.60 -16.23
N MET E 194 -39.16 18.11 -17.03
CA MET E 194 -38.15 17.20 -16.51
C MET E 194 -37.36 17.87 -15.39
N ASP E 195 -36.97 19.13 -15.58
CA ASP E 195 -36.27 19.86 -14.52
C ASP E 195 -37.09 19.88 -13.23
N PHE E 196 -38.42 19.80 -13.34
CA PHE E 196 -39.28 19.71 -12.17
C PHE E 196 -39.59 18.27 -11.79
N GLY E 197 -39.53 17.35 -12.75
CA GLY E 197 -39.90 15.97 -12.49
C GLY E 197 -38.78 15.13 -11.92
N VAL E 198 -37.66 15.04 -12.65
CA VAL E 198 -36.54 14.20 -12.25
C VAL E 198 -35.43 14.99 -11.57
N PHE E 199 -35.47 16.31 -11.61
CA PHE E 199 -34.45 17.15 -10.98
C PHE E 199 -34.95 17.91 -9.76
N TYR E 200 -36.27 17.97 -9.53
CA TYR E 200 -36.81 18.57 -8.32
C TYR E 200 -37.65 17.60 -7.50
N VAL E 201 -38.59 16.90 -8.12
CA VAL E 201 -39.48 16.01 -7.38
C VAL E 201 -38.74 14.74 -6.97
N VAL E 202 -38.11 14.06 -7.94
CA VAL E 202 -37.37 12.85 -7.63
C VAL E 202 -36.30 13.11 -6.55
N PRO E 203 -35.41 14.09 -6.70
CA PRO E 203 -34.39 14.28 -5.66
C PRO E 203 -34.96 14.69 -4.32
N MET E 204 -36.00 15.54 -4.30
CA MET E 204 -36.60 15.92 -3.02
C MET E 204 -37.20 14.72 -2.31
N ILE E 205 -37.96 13.90 -3.05
CA ILE E 205 -38.55 12.70 -2.45
C ILE E 205 -37.47 11.76 -1.95
N LEU E 206 -36.43 11.54 -2.76
CA LEU E 206 -35.35 10.67 -2.34
C LEU E 206 -34.70 11.17 -1.07
N ALA E 207 -34.36 12.47 -1.03
CA ALA E 207 -33.69 13.03 0.14
C ALA E 207 -34.56 12.90 1.38
N THR E 208 -35.84 13.27 1.27
CA THR E 208 -36.69 13.24 2.46
C THR E 208 -36.89 11.82 2.95
N VAL E 209 -37.12 10.86 2.04
CA VAL E 209 -37.33 9.49 2.47
C VAL E 209 -36.06 8.92 3.10
N LEU E 210 -34.90 9.17 2.47
CA LEU E 210 -33.65 8.65 3.00
C LEU E 210 -33.33 9.23 4.37
N TYR E 211 -33.55 10.54 4.54
CA TYR E 211 -33.27 11.15 5.83
C TYR E 211 -34.28 10.71 6.89
N GLY E 212 -35.52 10.46 6.50
CA GLY E 212 -36.48 9.90 7.45
C GLY E 212 -36.06 8.51 7.91
N PHE E 213 -35.60 7.67 6.98
CA PHE E 213 -35.12 6.35 7.36
C PHE E 213 -33.89 6.45 8.25
N ILE E 214 -33.00 7.41 7.95
CA ILE E 214 -31.81 7.60 8.78
C ILE E 214 -32.21 8.00 10.19
N ALA E 215 -33.15 8.93 10.32
CA ALA E 215 -33.61 9.34 11.65
C ALA E 215 -34.27 8.18 12.38
N ARG E 216 -35.05 7.37 11.65
CA ARG E 216 -35.68 6.21 12.27
C ARG E 216 -34.63 5.24 12.82
N ILE E 217 -33.59 4.97 12.03
CA ILE E 217 -32.55 4.05 12.47
C ILE E 217 -31.74 4.65 13.61
N LEU E 218 -31.58 5.97 13.63
CA LEU E 218 -30.81 6.60 14.70
C LEU E 218 -31.57 6.60 16.01
N PHE E 219 -32.86 6.93 15.99
CA PHE E 219 -33.66 6.90 17.21
C PHE E 219 -33.74 5.48 17.77
N LEU E 220 -33.76 4.49 16.89
CA LEU E 220 -33.83 3.08 17.29
C LEU E 220 -32.43 2.49 17.15
N ASN E 221 -31.62 2.67 18.19
CA ASN E 221 -30.26 2.14 18.21
C ASN E 221 -30.28 0.63 18.47
N ARG E 261 -27.22 10.70 18.94
CA ARG E 261 -28.12 10.86 17.80
C ARG E 261 -29.27 11.81 18.15
N LYS E 262 -28.92 12.92 18.81
CA LYS E 262 -29.91 13.91 19.21
C LYS E 262 -29.92 15.14 18.30
N GLN E 263 -28.82 15.43 17.62
CA GLN E 263 -28.71 16.61 16.77
C GLN E 263 -28.67 16.28 15.28
N VAL E 264 -28.24 15.08 14.92
CA VAL E 264 -28.15 14.73 13.50
C VAL E 264 -29.53 14.81 12.86
N THR E 265 -30.56 14.31 13.54
CA THR E 265 -31.92 14.39 12.99
C THR E 265 -32.33 15.84 12.76
N LYS E 266 -31.97 16.73 13.68
CA LYS E 266 -32.32 18.14 13.52
C LYS E 266 -31.63 18.73 12.30
N MET E 267 -30.35 18.41 12.10
CA MET E 267 -29.62 18.93 10.95
C MET E 267 -30.23 18.41 9.65
N LEU E 268 -30.58 17.12 9.62
CA LEU E 268 -31.17 16.56 8.40
C LEU E 268 -32.53 17.18 8.12
N ALA E 269 -33.33 17.41 9.17
CA ALA E 269 -34.63 18.04 8.96
C ALA E 269 -34.47 19.46 8.45
N VAL E 270 -33.52 20.21 9.01
CA VAL E 270 -33.26 21.56 8.53
C VAL E 270 -32.81 21.54 7.08
N VAL E 271 -31.96 20.58 6.72
CA VAL E 271 -31.51 20.46 5.34
C VAL E 271 -32.69 20.22 4.41
N VAL E 272 -33.56 19.29 4.79
CA VAL E 272 -34.72 18.97 3.96
C VAL E 272 -35.61 20.20 3.80
N ILE E 273 -35.91 20.88 4.90
CA ILE E 273 -36.79 22.04 4.86
C ILE E 273 -36.21 23.12 3.97
N LEU E 274 -34.92 23.43 4.15
CA LEU E 274 -34.28 24.46 3.35
C LEU E 274 -34.28 24.09 1.87
N PHE E 275 -33.88 22.85 1.55
CA PHE E 275 -33.87 22.41 0.17
C PHE E 275 -35.25 22.58 -0.47
N ALA E 276 -36.28 22.07 0.20
CA ALA E 276 -37.63 22.16 -0.36
C ALA E 276 -38.05 23.61 -0.55
N LEU E 277 -37.94 24.43 0.50
CA LEU E 277 -38.45 25.79 0.45
C LEU E 277 -37.62 26.70 -0.46
N LEU E 278 -36.40 26.31 -0.80
CA LEU E 278 -35.57 27.11 -1.69
C LEU E 278 -35.55 26.62 -3.12
N TRP E 279 -35.94 25.36 -3.37
CA TRP E 279 -36.05 24.84 -4.72
C TRP E 279 -37.48 24.79 -5.24
N MET E 280 -38.47 25.04 -4.38
CA MET E 280 -39.85 25.08 -4.85
C MET E 280 -40.13 26.32 -5.69
N PRO E 281 -39.69 27.52 -5.26
CA PRO E 281 -40.07 28.74 -6.00
C PRO E 281 -39.72 28.71 -7.48
N TYR E 282 -38.43 28.50 -7.80
CA TYR E 282 -38.01 28.56 -9.19
C TYR E 282 -38.52 27.37 -9.99
N ARG E 283 -38.47 26.17 -9.39
CA ARG E 283 -38.94 24.98 -10.10
C ARG E 283 -40.44 25.04 -10.38
N THR E 284 -41.18 25.81 -9.58
CA THR E 284 -42.60 26.01 -9.84
C THR E 284 -42.86 27.16 -10.80
N LEU E 285 -42.03 28.22 -10.75
CA LEU E 285 -42.19 29.32 -11.68
C LEU E 285 -41.91 28.87 -13.11
N VAL E 286 -40.81 28.13 -13.31
CA VAL E 286 -40.48 27.67 -14.65
C VAL E 286 -41.56 26.75 -15.20
N VAL E 287 -42.27 26.05 -14.31
CA VAL E 287 -43.31 25.13 -14.77
C VAL E 287 -44.59 25.89 -15.10
N VAL E 288 -45.02 26.77 -14.21
CA VAL E 288 -46.27 27.52 -14.46
C VAL E 288 -46.12 28.41 -15.67
N ASN E 289 -44.92 28.97 -15.90
CA ASN E 289 -44.71 29.81 -17.07
C ASN E 289 -44.67 29.00 -18.36
N SER E 290 -44.41 27.69 -18.28
CA SER E 290 -44.38 26.84 -19.47
C SER E 290 -45.75 26.36 -19.88
N PHE E 291 -46.81 26.71 -19.13
CA PHE E 291 -48.18 26.33 -19.48
C PHE E 291 -49.13 27.51 -19.57
N LEU E 292 -48.93 28.56 -18.79
CA LEU E 292 -49.81 29.72 -18.85
C LEU E 292 -49.59 30.50 -20.14
N SER E 293 -50.67 31.07 -20.67
CA SER E 293 -50.56 31.86 -21.89
C SER E 293 -49.73 33.12 -21.69
N SER E 294 -49.64 33.62 -20.46
CA SER E 294 -48.85 34.81 -20.15
C SER E 294 -47.69 34.42 -19.23
N PRO E 295 -46.49 34.22 -19.76
CA PRO E 295 -45.36 33.86 -18.90
C PRO E 295 -45.14 34.88 -17.78
N PHE E 296 -45.20 34.41 -16.53
CA PHE E 296 -45.04 35.28 -15.38
C PHE E 296 -43.58 35.72 -15.29
N GLN E 297 -43.29 36.93 -15.77
CA GLN E 297 -41.93 37.46 -15.80
C GLN E 297 -41.82 38.71 -14.94
N GLU E 298 -42.56 38.78 -13.84
CA GLU E 298 -42.47 39.94 -12.96
C GLU E 298 -41.09 40.01 -12.34
N ASN E 299 -40.51 41.22 -12.37
CA ASN E 299 -39.14 41.39 -11.88
C ASN E 299 -39.01 40.90 -10.44
N TRP E 300 -40.01 41.15 -9.60
CA TRP E 300 -39.88 40.82 -8.19
C TRP E 300 -39.82 39.32 -7.96
N PHE E 301 -40.65 38.56 -8.67
CA PHE E 301 -40.66 37.11 -8.47
C PHE E 301 -39.38 36.47 -9.00
N LEU E 302 -38.91 36.92 -10.17
CA LEU E 302 -37.65 36.41 -10.69
C LEU E 302 -36.49 36.76 -9.76
N LEU E 303 -36.49 37.97 -9.21
CA LEU E 303 -35.44 38.33 -8.25
C LEU E 303 -35.51 37.47 -7.01
N PHE E 304 -36.71 37.21 -6.49
CA PHE E 304 -36.85 36.35 -5.32
C PHE E 304 -36.35 34.94 -5.61
N CYS E 305 -36.66 34.42 -6.80
CA CYS E 305 -36.20 33.09 -7.16
C CYS E 305 -34.68 33.05 -7.28
N ARG E 306 -34.08 34.06 -7.91
CA ARG E 306 -32.62 34.12 -7.99
C ARG E 306 -32.00 34.18 -6.60
N ILE E 307 -32.58 34.99 -5.71
CA ILE E 307 -32.03 35.10 -4.36
C ILE E 307 -32.15 33.78 -3.62
N CYS E 308 -33.26 33.07 -3.81
CA CYS E 308 -33.43 31.77 -3.16
C CYS E 308 -32.40 30.77 -3.69
N ILE E 309 -32.19 30.76 -5.00
CA ILE E 309 -31.21 29.85 -5.59
C ILE E 309 -29.82 30.16 -5.04
N TYR E 310 -29.46 31.44 -4.98
CA TYR E 310 -28.15 31.82 -4.48
C TYR E 310 -27.98 31.44 -3.01
N LEU E 311 -29.00 31.68 -2.20
CA LEU E 311 -28.94 31.31 -0.78
C LEU E 311 -28.79 29.81 -0.63
N ASN E 312 -29.53 29.03 -1.41
CA ASN E 312 -29.43 27.58 -1.32
C ASN E 312 -28.03 27.11 -1.71
N SER E 313 -27.49 27.65 -2.81
CA SER E 313 -26.16 27.24 -3.26
C SER E 313 -25.08 27.69 -2.28
N ALA E 314 -25.32 28.77 -1.54
CA ALA E 314 -24.34 29.23 -0.57
C ALA E 314 -24.41 28.45 0.73
N ILE E 315 -25.61 28.01 1.14
CA ILE E 315 -25.73 27.24 2.37
C ILE E 315 -25.43 25.76 2.15
N ASN E 316 -25.47 25.28 0.91
CA ASN E 316 -25.09 23.91 0.62
C ASN E 316 -23.71 23.60 1.19
N PRO E 317 -22.68 24.38 0.85
CA PRO E 317 -21.35 24.13 1.44
C PRO E 317 -21.28 24.45 2.93
N VAL E 318 -22.33 24.99 3.53
CA VAL E 318 -22.33 25.36 4.94
C VAL E 318 -23.17 24.40 5.77
N ILE E 319 -24.33 23.98 5.25
CA ILE E 319 -25.20 23.10 6.02
C ILE E 319 -24.71 21.65 5.94
N TYR E 320 -24.02 21.29 4.86
CA TYR E 320 -23.54 19.92 4.68
C TYR E 320 -22.13 19.72 5.20
N ASN E 321 -21.31 20.77 5.23
CA ASN E 321 -19.89 20.66 5.58
C ASN E 321 -19.58 21.29 6.93
N LEU E 322 -19.89 22.58 7.11
CA LEU E 322 -19.55 23.24 8.36
C LEU E 322 -20.27 22.62 9.55
N MET E 323 -21.40 21.96 9.33
CA MET E 323 -22.12 21.26 10.40
C MET E 323 -21.68 19.80 10.46
N SER E 324 -20.37 19.61 10.62
CA SER E 324 -19.78 18.28 10.66
C SER E 324 -18.47 18.35 11.42
N GLN E 325 -18.03 17.19 11.92
CA GLN E 325 -16.80 17.14 12.72
C GLN E 325 -15.56 17.05 11.83
N LYS E 326 -15.62 16.24 10.77
CA LYS E 326 -14.45 16.07 9.91
C LYS E 326 -14.08 17.37 9.20
N PHE E 327 -15.09 18.09 8.69
CA PHE E 327 -14.81 19.35 8.00
C PHE E 327 -14.25 20.39 8.98
N ARG E 328 -14.79 20.44 10.20
CA ARG E 328 -14.25 21.36 11.19
C ARG E 328 -12.81 21.01 11.54
N ALA E 329 -12.50 19.71 11.66
CA ALA E 329 -11.15 19.29 11.95
C ALA E 329 -10.20 19.71 10.83
N ALA E 330 -10.61 19.48 9.58
CA ALA E 330 -9.77 19.88 8.45
C ALA E 330 -9.58 21.39 8.41
N PHE E 331 -10.64 22.14 8.70
CA PHE E 331 -10.54 23.61 8.76
C PHE E 331 -9.52 24.03 9.79
N ARG E 332 -9.66 23.55 11.04
CA ARG E 332 -8.70 23.90 12.08
C ARG E 332 -7.29 23.45 11.71
N LYS E 333 -7.17 22.38 10.94
CA LYS E 333 -5.85 21.94 10.48
C LYS E 333 -5.26 22.96 9.52
N LEU E 334 -6.06 23.44 8.56
CA LEU E 334 -5.56 24.45 7.63
C LEU E 334 -5.11 25.71 8.36
N CYS E 335 -5.79 26.05 9.46
CA CYS E 335 -5.46 27.23 10.25
C CYS E 335 -4.92 26.85 11.63
N ASN E 336 -4.16 25.77 11.70
CA ASN E 336 -3.59 25.31 12.96
C ASN E 336 -2.44 26.22 13.40
N HIS F 2 -34.57 32.78 -16.61
CA HIS F 2 -33.35 32.01 -16.42
C HIS F 2 -33.05 31.89 -14.92
#